data_7T9Q
# 
_entry.id   7T9Q 
# 
_audit_conform.dict_name       mmcif_pdbx.dic 
_audit_conform.dict_version    5.397 
_audit_conform.dict_location   http://mmcif.pdb.org/dictionaries/ascii/mmcif_pdbx.dic 
# 
loop_
_database_2.database_id 
_database_2.database_code 
_database_2.pdbx_database_accession 
_database_2.pdbx_DOI 
PDB   7T9Q         pdb_00007t9q 10.2210/pdb7t9q/pdb 
WWPDB D_1000261893 ?            ?                   
# 
loop_
_pdbx_audit_revision_history.ordinal 
_pdbx_audit_revision_history.data_content_type 
_pdbx_audit_revision_history.major_revision 
_pdbx_audit_revision_history.minor_revision 
_pdbx_audit_revision_history.revision_date 
1 'Structure model' 1 0 2023-01-18 
2 'Structure model' 1 1 2023-02-01 
3 'Structure model' 1 2 2023-08-30 
4 'Structure model' 1 3 2023-10-25 
5 'Structure model' 1 4 2024-10-16 
# 
_pdbx_audit_revision_details.ordinal             1 
_pdbx_audit_revision_details.revision_ordinal    1 
_pdbx_audit_revision_details.data_content_type   'Structure model' 
_pdbx_audit_revision_details.provider            repository 
_pdbx_audit_revision_details.type                'Initial release' 
_pdbx_audit_revision_details.description         ? 
_pdbx_audit_revision_details.details             ? 
# 
loop_
_pdbx_audit_revision_group.ordinal 
_pdbx_audit_revision_group.revision_ordinal 
_pdbx_audit_revision_group.data_content_type 
_pdbx_audit_revision_group.group 
1 2 'Structure model' 'Source and taxonomy'    
2 3 'Structure model' 'Data collection'        
3 3 'Structure model' 'Database references'    
4 4 'Structure model' 'Refinement description' 
5 5 'Structure model' 'Structure summary'      
# 
loop_
_pdbx_audit_revision_category.ordinal 
_pdbx_audit_revision_category.revision_ordinal 
_pdbx_audit_revision_category.data_content_type 
_pdbx_audit_revision_category.category 
1 2 'Structure model' entity_src_gen                
2 3 'Structure model' chem_comp_atom                
3 3 'Structure model' chem_comp_bond                
4 3 'Structure model' citation                      
5 3 'Structure model' citation_author               
6 4 'Structure model' pdbx_initial_refinement_model 
7 5 'Structure model' pdbx_entry_details            
8 5 'Structure model' pdbx_modification_feature     
# 
loop_
_pdbx_audit_revision_item.ordinal 
_pdbx_audit_revision_item.revision_ordinal 
_pdbx_audit_revision_item.data_content_type 
_pdbx_audit_revision_item.item 
1  2 'Structure model' '_entity_src_gen.pdbx_gene_src_ncbi_taxonomy_id' 
2  2 'Structure model' '_entity_src_gen.pdbx_gene_src_scientific_name'  
3  3 'Structure model' '_citation.country'                              
4  3 'Structure model' '_citation.journal_abbrev'                       
5  3 'Structure model' '_citation.journal_id_CSD'                       
6  3 'Structure model' '_citation.journal_id_ISSN'                      
7  3 'Structure model' '_citation.journal_volume'                       
8  3 'Structure model' '_citation.page_first'                           
9  3 'Structure model' '_citation.page_last'                            
10 3 'Structure model' '_citation.pdbx_database_id_DOI'                 
11 3 'Structure model' '_citation.pdbx_database_id_PubMed'              
12 3 'Structure model' '_citation.title'                                
13 3 'Structure model' '_citation.year'                                 
14 3 'Structure model' '_citation_author.identifier_ORCID'              
15 3 'Structure model' '_citation_author.name'                          
16 5 'Structure model' '_pdbx_entry_details.has_protein_modification'   
# 
_pdbx_database_status.status_code                     REL 
_pdbx_database_status.status_code_sf                  REL 
_pdbx_database_status.status_code_mr                  ? 
_pdbx_database_status.entry_id                        7T9Q 
_pdbx_database_status.recvd_initial_deposition_date   2021-12-19 
_pdbx_database_status.SG_entry                        N 
_pdbx_database_status.deposit_site                    RCSB 
_pdbx_database_status.process_site                    RCSB 
_pdbx_database_status.status_code_cs                  ? 
_pdbx_database_status.status_code_nmr_data            ? 
_pdbx_database_status.methods_development_category    ? 
_pdbx_database_status.pdb_format_compatible           Y 
# 
_pdbx_contact_author.id                 4 
_pdbx_contact_author.email              m.kvansakul@latrobe.edu.au 
_pdbx_contact_author.name_first         Marc 
_pdbx_contact_author.name_last          Kvansakul 
_pdbx_contact_author.name_mi            ? 
_pdbx_contact_author.role               'principal investigator/group leader' 
_pdbx_contact_author.identifier_ORCID   0000-0003-2639-2498 
# 
loop_
_audit_author.name 
_audit_author.pdbx_ordinal 
_audit_author.identifier_ORCID 
'Kvansakul, M.' 1 0000-0003-2639-2498 
'Williams, S.'  2 0000-0002-4465-5872 
'Hulett, M.D.'  3 0000-0003-2072-5968 
# 
_citation.abstract                  ? 
_citation.abstract_id_CAS           ? 
_citation.book_id_ISBN              ? 
_citation.book_publisher            ? 
_citation.book_publisher_city       ? 
_citation.book_title                ? 
_citation.coordinate_linkage        ? 
_citation.country                   UK 
_citation.database_id_Medline       ? 
_citation.details                   ? 
_citation.id                        primary 
_citation.journal_abbrev            'Nat Commun' 
_citation.journal_id_ASTM           ? 
_citation.journal_id_CSD            ? 
_citation.journal_id_ISSN           2041-1723 
_citation.journal_full              ? 
_citation.journal_issue             ? 
_citation.journal_volume            14 
_citation.language                  ? 
_citation.page_first                1170 
_citation.page_last                 1170 
_citation.title                     
'Crocodile defensin (CpoBD13) antifungal activity via pH-dependent phospholipid targeting and membrane disruption.' 
_citation.year                      2023 
_citation.database_id_CSD           ? 
_citation.pdbx_database_id_DOI      10.1038/s41467-023-36280-y 
_citation.pdbx_database_id_PubMed   36859344 
_citation.pdbx_database_id_patent   ? 
_citation.unpublished_flag          ? 
# 
loop_
_citation_author.citation_id 
_citation_author.name 
_citation_author.ordinal 
_citation_author.identifier_ORCID 
primary 'Williams, S.A.' 1 0000-0002-4465-5872 
primary 'Lay, F.T.'      2 0000-0002-3101-3782 
primary 'Bindra, G.K.'   3 0000-0002-3550-1492 
primary 'Banjara, S.'    4 0000-0002-2123-8101 
primary 'Poon, I.K.H.'   5 0000-0002-9119-7173 
primary 'Phan, T.K.'     6 0000-0001-5802-1603 
primary 'Kvansakul, M.'  7 0000-0003-2639-2498 
primary 'Hulett, M.D.'   8 0000-0003-2072-5968 
# 
loop_
_entity.id 
_entity.type 
_entity.src_method 
_entity.pdbx_description 
_entity.formula_weight 
_entity.pdbx_number_of_molecules 
_entity.pdbx_ec 
_entity.pdbx_mutation 
_entity.pdbx_fragment 
_entity.details 
1 polymer     man CpoBD13         4558.144 1  ? ? ? ? 
2 non-polymer syn 'CITRATE ANION' 189.100  1  ? ? ? ? 
3 non-polymer syn 1,2-ETHANEDIOL  62.068   2  ? ? ? ? 
4 water       nat water           18.015   20 ? ? ? ? 
# 
_entity_poly.entity_id                      1 
_entity_poly.type                           'polypeptide(L)' 
_entity_poly.nstd_linkage                   no 
_entity_poly.nstd_monomer                   no 
_entity_poly.pdbx_seq_one_letter_code       SYYSTLQCRNNHGHCRRLCFHGEQWIGNCNGRHQHCCK 
_entity_poly.pdbx_seq_one_letter_code_can   SYYSTLQCRNNHGHCRRLCFHGEQWIGNCNGRHQHCCK 
_entity_poly.pdbx_strand_id                 A 
_entity_poly.pdbx_target_identifier         ? 
# 
loop_
_pdbx_entity_nonpoly.entity_id 
_pdbx_entity_nonpoly.name 
_pdbx_entity_nonpoly.comp_id 
2 'CITRATE ANION' FLC 
3 1,2-ETHANEDIOL  EDO 
4 water           HOH 
# 
loop_
_entity_poly_seq.entity_id 
_entity_poly_seq.num 
_entity_poly_seq.mon_id 
_entity_poly_seq.hetero 
1 1  SER n 
1 2  TYR n 
1 3  TYR n 
1 4  SER n 
1 5  THR n 
1 6  LEU n 
1 7  GLN n 
1 8  CYS n 
1 9  ARG n 
1 10 ASN n 
1 11 ASN n 
1 12 HIS n 
1 13 GLY n 
1 14 HIS n 
1 15 CYS n 
1 16 ARG n 
1 17 ARG n 
1 18 LEU n 
1 19 CYS n 
1 20 PHE n 
1 21 HIS n 
1 22 GLY n 
1 23 GLU n 
1 24 GLN n 
1 25 TRP n 
1 26 ILE n 
1 27 GLY n 
1 28 ASN n 
1 29 CYS n 
1 30 ASN n 
1 31 GLY n 
1 32 ARG n 
1 33 HIS n 
1 34 GLN n 
1 35 HIS n 
1 36 CYS n 
1 37 CYS n 
1 38 LYS n 
# 
_entity_src_gen.entity_id                          1 
_entity_src_gen.pdbx_src_id                        1 
_entity_src_gen.pdbx_alt_source_flag               sample 
_entity_src_gen.pdbx_seq_type                      'Biological sequence' 
_entity_src_gen.pdbx_beg_seq_num                   1 
_entity_src_gen.pdbx_end_seq_num                   38 
_entity_src_gen.gene_src_common_name               ? 
_entity_src_gen.gene_src_genus                     ? 
_entity_src_gen.pdbx_gene_src_gene                 ? 
_entity_src_gen.gene_src_species                   ? 
_entity_src_gen.gene_src_strain                    ? 
_entity_src_gen.gene_src_tissue                    ? 
_entity_src_gen.gene_src_tissue_fraction           ? 
_entity_src_gen.gene_src_details                   ? 
_entity_src_gen.pdbx_gene_src_fragment             ? 
_entity_src_gen.pdbx_gene_src_scientific_name      'Crocodylus porosus' 
_entity_src_gen.pdbx_gene_src_ncbi_taxonomy_id     8502 
_entity_src_gen.pdbx_gene_src_variant              ? 
_entity_src_gen.pdbx_gene_src_cell_line            ? 
_entity_src_gen.pdbx_gene_src_atcc                 ? 
_entity_src_gen.pdbx_gene_src_organ                ? 
_entity_src_gen.pdbx_gene_src_organelle            ? 
_entity_src_gen.pdbx_gene_src_cell                 ? 
_entity_src_gen.pdbx_gene_src_cellular_location    ? 
_entity_src_gen.host_org_common_name               ? 
_entity_src_gen.pdbx_host_org_scientific_name      'Komagataella pastoris' 
_entity_src_gen.pdbx_host_org_ncbi_taxonomy_id     4922 
_entity_src_gen.host_org_genus                     ? 
_entity_src_gen.pdbx_host_org_gene                 ? 
_entity_src_gen.pdbx_host_org_organ                ? 
_entity_src_gen.host_org_species                   ? 
_entity_src_gen.pdbx_host_org_tissue               ? 
_entity_src_gen.pdbx_host_org_tissue_fraction      ? 
_entity_src_gen.pdbx_host_org_strain               ? 
_entity_src_gen.pdbx_host_org_variant              ? 
_entity_src_gen.pdbx_host_org_cell_line            ? 
_entity_src_gen.pdbx_host_org_atcc                 ? 
_entity_src_gen.pdbx_host_org_culture_collection   ? 
_entity_src_gen.pdbx_host_org_cell                 ? 
_entity_src_gen.pdbx_host_org_organelle            ? 
_entity_src_gen.pdbx_host_org_cellular_location    ? 
_entity_src_gen.pdbx_host_org_vector_type          ? 
_entity_src_gen.pdbx_host_org_vector               ? 
_entity_src_gen.host_org_details                   ? 
_entity_src_gen.expression_system_id               ? 
_entity_src_gen.plasmid_name                       ? 
_entity_src_gen.plasmid_details                    ? 
_entity_src_gen.pdbx_description                   ? 
# 
loop_
_chem_comp.id 
_chem_comp.type 
_chem_comp.mon_nstd_flag 
_chem_comp.name 
_chem_comp.pdbx_synonyms 
_chem_comp.formula 
_chem_comp.formula_weight 
ARG 'L-peptide linking' y ARGININE        ?                 'C6 H15 N4 O2 1' 175.209 
ASN 'L-peptide linking' y ASPARAGINE      ?                 'C4 H8 N2 O3'    132.118 
CYS 'L-peptide linking' y CYSTEINE        ?                 'C3 H7 N O2 S'   121.158 
EDO non-polymer         . 1,2-ETHANEDIOL  'ETHYLENE GLYCOL' 'C2 H6 O2'       62.068  
FLC non-polymer         . 'CITRATE ANION' ?                 'C6 H5 O7 -3'    189.100 
GLN 'L-peptide linking' y GLUTAMINE       ?                 'C5 H10 N2 O3'   146.144 
GLU 'L-peptide linking' y 'GLUTAMIC ACID' ?                 'C5 H9 N O4'     147.129 
GLY 'peptide linking'   y GLYCINE         ?                 'C2 H5 N O2'     75.067  
HIS 'L-peptide linking' y HISTIDINE       ?                 'C6 H10 N3 O2 1' 156.162 
HOH non-polymer         . WATER           ?                 'H2 O'           18.015  
ILE 'L-peptide linking' y ISOLEUCINE      ?                 'C6 H13 N O2'    131.173 
LEU 'L-peptide linking' y LEUCINE         ?                 'C6 H13 N O2'    131.173 
LYS 'L-peptide linking' y LYSINE          ?                 'C6 H15 N2 O2 1' 147.195 
PHE 'L-peptide linking' y PHENYLALANINE   ?                 'C9 H11 N O2'    165.189 
SER 'L-peptide linking' y SERINE          ?                 'C3 H7 N O3'     105.093 
THR 'L-peptide linking' y THREONINE       ?                 'C4 H9 N O3'     119.119 
TRP 'L-peptide linking' y TRYPTOPHAN      ?                 'C11 H12 N2 O2'  204.225 
TYR 'L-peptide linking' y TYROSINE        ?                 'C9 H11 N O3'    181.189 
# 
loop_
_pdbx_poly_seq_scheme.asym_id 
_pdbx_poly_seq_scheme.entity_id 
_pdbx_poly_seq_scheme.seq_id 
_pdbx_poly_seq_scheme.mon_id 
_pdbx_poly_seq_scheme.ndb_seq_num 
_pdbx_poly_seq_scheme.pdb_seq_num 
_pdbx_poly_seq_scheme.auth_seq_num 
_pdbx_poly_seq_scheme.pdb_mon_id 
_pdbx_poly_seq_scheme.auth_mon_id 
_pdbx_poly_seq_scheme.pdb_strand_id 
_pdbx_poly_seq_scheme.pdb_ins_code 
_pdbx_poly_seq_scheme.hetero 
A 1 1  SER 1  1  1  SER SER A . n 
A 1 2  TYR 2  2  2  TYR TYR A . n 
A 1 3  TYR 3  3  3  TYR TYR A . n 
A 1 4  SER 4  4  4  SER SER A . n 
A 1 5  THR 5  5  5  THR THR A . n 
A 1 6  LEU 6  6  6  LEU LEU A . n 
A 1 7  GLN 7  7  7  GLN GLN A . n 
A 1 8  CYS 8  8  8  CYS CYS A . n 
A 1 9  ARG 9  9  9  ARG ARG A . n 
A 1 10 ASN 10 10 10 ASN ASN A . n 
A 1 11 ASN 11 11 11 ASN ASN A . n 
A 1 12 HIS 12 12 12 HIS HIS A . n 
A 1 13 GLY 13 13 13 GLY GLY A . n 
A 1 14 HIS 14 14 14 HIS HIS A . n 
A 1 15 CYS 15 15 15 CYS CYS A . n 
A 1 16 ARG 16 16 16 ARG ARG A . n 
A 1 17 ARG 17 17 17 ARG ARG A . n 
A 1 18 LEU 18 18 18 LEU LEU A . n 
A 1 19 CYS 19 19 19 CYS CYS A . n 
A 1 20 PHE 20 20 20 PHE PHE A . n 
A 1 21 HIS 21 21 21 HIS HIS A . n 
A 1 22 GLY 22 22 22 GLY GLY A . n 
A 1 23 GLU 23 23 23 GLU GLU A . n 
A 1 24 GLN 24 24 24 GLN GLN A . n 
A 1 25 TRP 25 25 25 TRP TRP A . n 
A 1 26 ILE 26 26 26 ILE ILE A . n 
A 1 27 GLY 27 27 27 GLY GLY A . n 
A 1 28 ASN 28 28 28 ASN ASN A . n 
A 1 29 CYS 29 29 29 CYS CYS A . n 
A 1 30 ASN 30 30 30 ASN ASN A . n 
A 1 31 GLY 31 31 31 GLY GLY A . n 
A 1 32 ARG 32 32 32 ARG ARG A . n 
A 1 33 HIS 33 33 33 HIS HIS A . n 
A 1 34 GLN 34 34 34 GLN GLN A . n 
A 1 35 HIS 35 35 35 HIS HIS A . n 
A 1 36 CYS 36 36 36 CYS CYS A . n 
A 1 37 CYS 37 37 37 CYS CYS A . n 
A 1 38 LYS 38 38 38 LYS LYS A . n 
# 
loop_
_pdbx_nonpoly_scheme.asym_id 
_pdbx_nonpoly_scheme.entity_id 
_pdbx_nonpoly_scheme.mon_id 
_pdbx_nonpoly_scheme.ndb_seq_num 
_pdbx_nonpoly_scheme.pdb_seq_num 
_pdbx_nonpoly_scheme.auth_seq_num 
_pdbx_nonpoly_scheme.pdb_mon_id 
_pdbx_nonpoly_scheme.auth_mon_id 
_pdbx_nonpoly_scheme.pdb_strand_id 
_pdbx_nonpoly_scheme.pdb_ins_code 
B 2 FLC 1  101 1  FLC FLC A . 
C 3 EDO 1  102 1  EDO EDO A . 
D 3 EDO 1  103 3  EDO EDO A . 
E 4 HOH 1  201 25 HOH HOH A . 
E 4 HOH 2  202 1  HOH HOH A . 
E 4 HOH 3  203 6  HOH HOH A . 
E 4 HOH 4  204 3  HOH HOH A . 
E 4 HOH 5  205 10 HOH HOH A . 
E 4 HOH 6  206 8  HOH HOH A . 
E 4 HOH 7  207 2  HOH HOH A . 
E 4 HOH 8  208 4  HOH HOH A . 
E 4 HOH 9  209 11 HOH HOH A . 
E 4 HOH 10 210 18 HOH HOH A . 
E 4 HOH 11 211 9  HOH HOH A . 
E 4 HOH 12 212 19 HOH HOH A . 
E 4 HOH 13 213 23 HOH HOH A . 
E 4 HOH 14 214 17 HOH HOH A . 
E 4 HOH 15 215 13 HOH HOH A . 
E 4 HOH 16 216 12 HOH HOH A . 
E 4 HOH 17 217 24 HOH HOH A . 
E 4 HOH 18 218 20 HOH HOH A . 
E 4 HOH 19 219 15 HOH HOH A . 
E 4 HOH 20 220 16 HOH HOH A . 
# 
loop_
_software.citation_id 
_software.classification 
_software.compiler_name 
_software.compiler_version 
_software.contact_author 
_software.contact_author_email 
_software.date 
_software.description 
_software.dependencies 
_software.hardware 
_software.language 
_software.location 
_software.mods 
_software.name 
_software.os 
_software.os_version 
_software.type 
_software.version 
_software.pdbx_ordinal 
? refinement       ? ? ? ? ? ? ? ? ? ? ? PHENIX  ? ? ? 1.18.2_3874+SVN 1 
? 'data reduction' ? ? ? ? ? ? ? ? ? ? ? XDS     ? ? ? .               2 
? 'data scaling'   ? ? ? ? ? ? ? ? ? ? ? Aimless ? ? ? .               3 
? phasing          ? ? ? ? ? ? ? ? ? ? ? PHASER  ? ? ? .               4 
# 
_cell.angle_alpha                  90.000 
_cell.angle_alpha_esd              ? 
_cell.angle_beta                   90.000 
_cell.angle_beta_esd               ? 
_cell.angle_gamma                  90.000 
_cell.angle_gamma_esd              ? 
_cell.entry_id                     7T9Q 
_cell.details                      ? 
_cell.formula_units_Z              ? 
_cell.length_a                     46.700 
_cell.length_a_esd                 ? 
_cell.length_b                     56.425 
_cell.length_b_esd                 ? 
_cell.length_c                     33.102 
_cell.length_c_esd                 ? 
_cell.volume                       87225.902 
_cell.volume_esd                   ? 
_cell.Z_PDB                        8 
_cell.reciprocal_angle_alpha       ? 
_cell.reciprocal_angle_beta        ? 
_cell.reciprocal_angle_gamma       ? 
_cell.reciprocal_angle_alpha_esd   ? 
_cell.reciprocal_angle_beta_esd    ? 
_cell.reciprocal_angle_gamma_esd   ? 
_cell.reciprocal_length_a          ? 
_cell.reciprocal_length_b          ? 
_cell.reciprocal_length_c          ? 
_cell.reciprocal_length_a_esd      ? 
_cell.reciprocal_length_b_esd      ? 
_cell.reciprocal_length_c_esd      ? 
_cell.pdbx_unique_axis             ? 
# 
_symmetry.entry_id                         7T9Q 
_symmetry.cell_setting                     ? 
_symmetry.Int_Tables_number                20 
_symmetry.space_group_name_Hall            'C 2c 2' 
_symmetry.space_group_name_H-M             'C 2 2 21' 
_symmetry.pdbx_full_space_group_name_H-M   ? 
# 
_exptl.absorpt_coefficient_mu     ? 
_exptl.absorpt_correction_T_max   ? 
_exptl.absorpt_correction_T_min   ? 
_exptl.absorpt_correction_type    ? 
_exptl.absorpt_process_details    ? 
_exptl.entry_id                   7T9Q 
_exptl.crystals_number            1 
_exptl.details                    ? 
_exptl.method                     'X-RAY DIFFRACTION' 
_exptl.method_details             ? 
# 
_exptl_crystal.colour                      ? 
_exptl_crystal.density_diffrn              ? 
_exptl_crystal.density_Matthews            2.39 
_exptl_crystal.density_method              ? 
_exptl_crystal.density_percent_sol         48.58 
_exptl_crystal.description                 ? 
_exptl_crystal.F_000                       ? 
_exptl_crystal.id                          1 
_exptl_crystal.preparation                 ? 
_exptl_crystal.size_max                    ? 
_exptl_crystal.size_mid                    ? 
_exptl_crystal.size_min                    ? 
_exptl_crystal.size_rad                    ? 
_exptl_crystal.colour_lustre               ? 
_exptl_crystal.colour_modifier             ? 
_exptl_crystal.colour_primary              ? 
_exptl_crystal.density_meas                ? 
_exptl_crystal.density_meas_esd            ? 
_exptl_crystal.density_meas_gt             ? 
_exptl_crystal.density_meas_lt             ? 
_exptl_crystal.density_meas_temp           ? 
_exptl_crystal.density_meas_temp_esd       ? 
_exptl_crystal.density_meas_temp_gt        ? 
_exptl_crystal.density_meas_temp_lt        ? 
_exptl_crystal.pdbx_crystal_image_url      ? 
_exptl_crystal.pdbx_crystal_image_format   ? 
_exptl_crystal.pdbx_mosaicity              ? 
_exptl_crystal.pdbx_mosaicity_esd          ? 
# 
_exptl_crystal_grow.apparatus       ? 
_exptl_crystal_grow.atmosphere      ? 
_exptl_crystal_grow.crystal_id      1 
_exptl_crystal_grow.details         ? 
_exptl_crystal_grow.method          'VAPOR DIFFUSION, SITTING DROP' 
_exptl_crystal_grow.method_ref      ? 
_exptl_crystal_grow.pH              5.5 
_exptl_crystal_grow.pressure        ? 
_exptl_crystal_grow.pressure_esd    ? 
_exptl_crystal_grow.seeding         ? 
_exptl_crystal_grow.seeding_ref     ? 
_exptl_crystal_grow.temp            293 
_exptl_crystal_grow.temp_details    ? 
_exptl_crystal_grow.temp_esd        ? 
_exptl_crystal_grow.time            ? 
_exptl_crystal_grow.pdbx_details    '0.1 M trisodium citrate pH 5.5, 20 % PEG 3K' 
_exptl_crystal_grow.pdbx_pH_range   ? 
# 
_diffrn.ambient_environment              ? 
_diffrn.ambient_temp                     100 
_diffrn.ambient_temp_details             ? 
_diffrn.ambient_temp_esd                 ? 
_diffrn.crystal_id                       1 
_diffrn.crystal_support                  ? 
_diffrn.crystal_treatment                ? 
_diffrn.details                          ? 
_diffrn.id                               1 
_diffrn.ambient_pressure                 ? 
_diffrn.ambient_pressure_esd             ? 
_diffrn.ambient_pressure_gt              ? 
_diffrn.ambient_pressure_lt              ? 
_diffrn.ambient_temp_gt                  ? 
_diffrn.ambient_temp_lt                  ? 
_diffrn.pdbx_serial_crystal_experiment   N 
# 
_diffrn_detector.details                      ? 
_diffrn_detector.detector                     PIXEL 
_diffrn_detector.diffrn_id                    1 
_diffrn_detector.type                         'DECTRIS EIGER2 S 16M' 
_diffrn_detector.area_resol_mean              ? 
_diffrn_detector.dtime                        ? 
_diffrn_detector.pdbx_frames_total            ? 
_diffrn_detector.pdbx_collection_time_total   ? 
_diffrn_detector.pdbx_collection_date         2018-03-02 
_diffrn_detector.pdbx_frequency               ? 
# 
_diffrn_radiation.collimation                      ? 
_diffrn_radiation.diffrn_id                        1 
_diffrn_radiation.filter_edge                      ? 
_diffrn_radiation.inhomogeneity                    ? 
_diffrn_radiation.monochromator                    ? 
_diffrn_radiation.polarisn_norm                    ? 
_diffrn_radiation.polarisn_ratio                   ? 
_diffrn_radiation.probe                            ? 
_diffrn_radiation.type                             ? 
_diffrn_radiation.xray_symbol                      ? 
_diffrn_radiation.wavelength_id                    1 
_diffrn_radiation.pdbx_monochromatic_or_laue_m_l   M 
_diffrn_radiation.pdbx_wavelength_list             ? 
_diffrn_radiation.pdbx_wavelength                  ? 
_diffrn_radiation.pdbx_diffrn_protocol             'SINGLE WAVELENGTH' 
_diffrn_radiation.pdbx_analyzer                    ? 
_diffrn_radiation.pdbx_scattering_type             x-ray 
# 
_diffrn_radiation_wavelength.id           1 
_diffrn_radiation_wavelength.wavelength   0.9537 
_diffrn_radiation_wavelength.wt           1.0 
# 
_diffrn_source.current                     ? 
_diffrn_source.details                     ? 
_diffrn_source.diffrn_id                   1 
_diffrn_source.power                       ? 
_diffrn_source.size                        ? 
_diffrn_source.source                      SYNCHROTRON 
_diffrn_source.target                      ? 
_diffrn_source.type                        'AUSTRALIAN SYNCHROTRON BEAMLINE MX2' 
_diffrn_source.voltage                     ? 
_diffrn_source.take-off_angle              ? 
_diffrn_source.pdbx_wavelength_list        0.9537 
_diffrn_source.pdbx_wavelength             ? 
_diffrn_source.pdbx_synchrotron_beamline   MX2 
_diffrn_source.pdbx_synchrotron_site       'Australian Synchrotron' 
# 
_reflns.B_iso_Wilson_estimate                          28.66 
_reflns.entry_id                                       7T9Q 
_reflns.data_reduction_details                         ? 
_reflns.data_reduction_method                          ? 
_reflns.d_resolution_high                              1.80 
_reflns.d_resolution_low                               19.08 
_reflns.details                                        ? 
_reflns.limit_h_max                                    ? 
_reflns.limit_h_min                                    ? 
_reflns.limit_k_max                                    ? 
_reflns.limit_k_min                                    ? 
_reflns.limit_l_max                                    ? 
_reflns.limit_l_min                                    ? 
_reflns.number_all                                     ? 
_reflns.number_obs                                     4157 
_reflns.observed_criterion                             ? 
_reflns.observed_criterion_F_max                       ? 
_reflns.observed_criterion_F_min                       ? 
_reflns.observed_criterion_I_max                       ? 
_reflns.observed_criterion_I_min                       ? 
_reflns.observed_criterion_sigma_F                     ? 
_reflns.observed_criterion_sigma_I                     ? 
_reflns.percent_possible_obs                           98 
_reflns.R_free_details                                 ? 
_reflns.Rmerge_F_all                                   ? 
_reflns.Rmerge_F_obs                                   ? 
_reflns.Friedel_coverage                               ? 
_reflns.number_gt                                      ? 
_reflns.threshold_expression                           ? 
_reflns.pdbx_redundancy                                2.7 
_reflns.pdbx_Rmerge_I_obs                              0.085 
_reflns.pdbx_Rmerge_I_all                              ? 
_reflns.pdbx_Rsym_value                                ? 
_reflns.pdbx_netI_over_av_sigmaI                       ? 
_reflns.pdbx_netI_over_sigmaI                          4.2 
_reflns.pdbx_res_netI_over_av_sigmaI_2                 ? 
_reflns.pdbx_res_netI_over_sigmaI_2                    ? 
_reflns.pdbx_chi_squared                               ? 
_reflns.pdbx_scaling_rejects                           ? 
_reflns.pdbx_d_res_high_opt                            ? 
_reflns.pdbx_d_res_low_opt                             ? 
_reflns.pdbx_d_res_opt_method                          ? 
_reflns.phase_calculation_details                      ? 
_reflns.pdbx_Rrim_I_all                                ? 
_reflns.pdbx_Rpim_I_all                                ? 
_reflns.pdbx_d_opt                                     ? 
_reflns.pdbx_number_measured_all                       ? 
_reflns.pdbx_diffrn_id                                 1 
_reflns.pdbx_ordinal                                   1 
_reflns.pdbx_CC_half                                   0.995 
_reflns.pdbx_CC_star                                   ? 
_reflns.pdbx_R_split                                   ? 
_reflns.pdbx_aniso_diffraction_limit_axis_1_ortho[1]   ? 
_reflns.pdbx_aniso_diffraction_limit_axis_1_ortho[2]   ? 
_reflns.pdbx_aniso_diffraction_limit_axis_1_ortho[3]   ? 
_reflns.pdbx_aniso_diffraction_limit_axis_2_ortho[1]   ? 
_reflns.pdbx_aniso_diffraction_limit_axis_2_ortho[2]   ? 
_reflns.pdbx_aniso_diffraction_limit_axis_2_ortho[3]   ? 
_reflns.pdbx_aniso_diffraction_limit_axis_3_ortho[1]   ? 
_reflns.pdbx_aniso_diffraction_limit_axis_3_ortho[2]   ? 
_reflns.pdbx_aniso_diffraction_limit_axis_3_ortho[3]   ? 
_reflns.pdbx_aniso_diffraction_limit_1                 ? 
_reflns.pdbx_aniso_diffraction_limit_2                 ? 
_reflns.pdbx_aniso_diffraction_limit_3                 ? 
_reflns.pdbx_aniso_B_tensor_eigenvector_1_ortho[1]     ? 
_reflns.pdbx_aniso_B_tensor_eigenvector_1_ortho[2]     ? 
_reflns.pdbx_aniso_B_tensor_eigenvector_1_ortho[3]     ? 
_reflns.pdbx_aniso_B_tensor_eigenvector_2_ortho[1]     ? 
_reflns.pdbx_aniso_B_tensor_eigenvector_2_ortho[2]     ? 
_reflns.pdbx_aniso_B_tensor_eigenvector_2_ortho[3]     ? 
_reflns.pdbx_aniso_B_tensor_eigenvector_3_ortho[1]     ? 
_reflns.pdbx_aniso_B_tensor_eigenvector_3_ortho[2]     ? 
_reflns.pdbx_aniso_B_tensor_eigenvector_3_ortho[3]     ? 
_reflns.pdbx_aniso_B_tensor_eigenvalue_1               ? 
_reflns.pdbx_aniso_B_tensor_eigenvalue_2               ? 
_reflns.pdbx_aniso_B_tensor_eigenvalue_3               ? 
_reflns.pdbx_orthogonalization_convention              ? 
_reflns.pdbx_percent_possible_ellipsoidal              ? 
_reflns.pdbx_percent_possible_spherical                ? 
_reflns.pdbx_percent_possible_ellipsoidal_anomalous    ? 
_reflns.pdbx_percent_possible_spherical_anomalous      ? 
_reflns.pdbx_redundancy_anomalous                      ? 
_reflns.pdbx_CC_half_anomalous                         ? 
_reflns.pdbx_absDiff_over_sigma_anomalous              ? 
_reflns.pdbx_percent_possible_anomalous                ? 
_reflns.pdbx_observed_signal_threshold                 ? 
_reflns.pdbx_signal_type                               ? 
_reflns.pdbx_signal_details                            ? 
_reflns.pdbx_signal_software_id                        ? 
# 
_reflns_shell.d_res_high                                    1.80 
_reflns_shell.d_res_low                                     1.85 
_reflns_shell.meanI_over_sigI_all                           ? 
_reflns_shell.meanI_over_sigI_obs                           1.1 
_reflns_shell.number_measured_all                           ? 
_reflns_shell.number_measured_obs                           ? 
_reflns_shell.number_possible                               ? 
_reflns_shell.number_unique_all                             ? 
_reflns_shell.number_unique_obs                             308 
_reflns_shell.percent_possible_all                          99.3 
_reflns_shell.percent_possible_obs                          ? 
_reflns_shell.Rmerge_F_all                                  ? 
_reflns_shell.Rmerge_F_obs                                  ? 
_reflns_shell.Rmerge_I_all                                  ? 
_reflns_shell.Rmerge_I_obs                                  0.521 
_reflns_shell.meanI_over_sigI_gt                            ? 
_reflns_shell.meanI_over_uI_all                             ? 
_reflns_shell.meanI_over_uI_gt                              ? 
_reflns_shell.number_measured_gt                            ? 
_reflns_shell.number_unique_gt                              ? 
_reflns_shell.percent_possible_gt                           ? 
_reflns_shell.Rmerge_F_gt                                   ? 
_reflns_shell.Rmerge_I_gt                                   ? 
_reflns_shell.pdbx_redundancy                               2.8 
_reflns_shell.pdbx_Rsym_value                               ? 
_reflns_shell.pdbx_chi_squared                              ? 
_reflns_shell.pdbx_netI_over_sigmaI_all                     ? 
_reflns_shell.pdbx_netI_over_sigmaI_obs                     ? 
_reflns_shell.pdbx_Rrim_I_all                               ? 
_reflns_shell.pdbx_Rpim_I_all                               ? 
_reflns_shell.pdbx_rejects                                  ? 
_reflns_shell.pdbx_ordinal                                  1 
_reflns_shell.pdbx_diffrn_id                                1 
_reflns_shell.pdbx_CC_half                                  0.461 
_reflns_shell.pdbx_CC_star                                  ? 
_reflns_shell.pdbx_R_split                                  ? 
_reflns_shell.pdbx_percent_possible_ellipsoidal             ? 
_reflns_shell.pdbx_percent_possible_spherical               ? 
_reflns_shell.pdbx_percent_possible_ellipsoidal_anomalous   ? 
_reflns_shell.pdbx_percent_possible_spherical_anomalous     ? 
_reflns_shell.pdbx_redundancy_anomalous                     ? 
_reflns_shell.pdbx_CC_half_anomalous                        ? 
_reflns_shell.pdbx_absDiff_over_sigma_anomalous             ? 
_reflns_shell.pdbx_percent_possible_anomalous               ? 
# 
_refine.aniso_B[1][1]                            ? 
_refine.aniso_B[1][2]                            ? 
_refine.aniso_B[1][3]                            ? 
_refine.aniso_B[2][2]                            ? 
_refine.aniso_B[2][3]                            ? 
_refine.aniso_B[3][3]                            ? 
_refine.B_iso_max                                ? 
_refine.B_iso_mean                               39.50 
_refine.B_iso_min                                ? 
_refine.correlation_coeff_Fo_to_Fc               ? 
_refine.correlation_coeff_Fo_to_Fc_free          ? 
_refine.details                                  ? 
_refine.diff_density_max                         ? 
_refine.diff_density_max_esd                     ? 
_refine.diff_density_min                         ? 
_refine.diff_density_min_esd                     ? 
_refine.diff_density_rms                         ? 
_refine.diff_density_rms_esd                     ? 
_refine.entry_id                                 7T9Q 
_refine.pdbx_refine_id                           'X-RAY DIFFRACTION' 
_refine.ls_abs_structure_details                 ? 
_refine.ls_abs_structure_Flack                   ? 
_refine.ls_abs_structure_Flack_esd               ? 
_refine.ls_abs_structure_Rogers                  ? 
_refine.ls_abs_structure_Rogers_esd              ? 
_refine.ls_d_res_high                            1.80 
_refine.ls_d_res_low                             19.08 
_refine.ls_extinction_coef                       ? 
_refine.ls_extinction_coef_esd                   ? 
_refine.ls_extinction_expression                 ? 
_refine.ls_extinction_method                     ? 
_refine.ls_goodness_of_fit_all                   ? 
_refine.ls_goodness_of_fit_all_esd               ? 
_refine.ls_goodness_of_fit_obs                   ? 
_refine.ls_goodness_of_fit_obs_esd               ? 
_refine.ls_hydrogen_treatment                    ? 
_refine.ls_matrix_type                           ? 
_refine.ls_number_constraints                    ? 
_refine.ls_number_parameters                     ? 
_refine.ls_number_reflns_all                     ? 
_refine.ls_number_reflns_obs                     3884 
_refine.ls_number_reflns_R_free                  211 
_refine.ls_number_reflns_R_work                  3673 
_refine.ls_number_restraints                     ? 
_refine.ls_percent_reflns_obs                    90.75 
_refine.ls_percent_reflns_R_free                 5.43 
_refine.ls_R_factor_all                          ? 
_refine.ls_R_factor_obs                          0.2283 
_refine.ls_R_factor_R_free                       0.2531 
_refine.ls_R_factor_R_free_error                 ? 
_refine.ls_R_factor_R_free_error_details         ? 
_refine.ls_R_factor_R_work                       0.2269 
_refine.ls_R_Fsqd_factor_obs                     ? 
_refine.ls_R_I_factor_obs                        ? 
_refine.ls_redundancy_reflns_all                 ? 
_refine.ls_redundancy_reflns_obs                 ? 
_refine.ls_restrained_S_all                      ? 
_refine.ls_restrained_S_obs                      ? 
_refine.ls_shift_over_esd_max                    ? 
_refine.ls_shift_over_esd_mean                   ? 
_refine.ls_structure_factor_coef                 ? 
_refine.ls_weighting_details                     ? 
_refine.ls_weighting_scheme                      ? 
_refine.ls_wR_factor_all                         ? 
_refine.ls_wR_factor_obs                         ? 
_refine.ls_wR_factor_R_free                      ? 
_refine.ls_wR_factor_R_work                      ? 
_refine.occupancy_max                            ? 
_refine.occupancy_min                            ? 
_refine.solvent_model_details                    'FLAT BULK SOLVENT MODEL' 
_refine.solvent_model_param_bsol                 ? 
_refine.solvent_model_param_ksol                 ? 
_refine.pdbx_R_complete                          ? 
_refine.ls_R_factor_gt                           ? 
_refine.ls_goodness_of_fit_gt                    ? 
_refine.ls_goodness_of_fit_ref                   ? 
_refine.ls_shift_over_su_max                     ? 
_refine.ls_shift_over_su_max_lt                  ? 
_refine.ls_shift_over_su_mean                    ? 
_refine.ls_shift_over_su_mean_lt                 ? 
_refine.pdbx_ls_sigma_I                          ? 
_refine.pdbx_ls_sigma_F                          1.34 
_refine.pdbx_ls_sigma_Fsqd                       ? 
_refine.pdbx_data_cutoff_high_absF               ? 
_refine.pdbx_data_cutoff_high_rms_absF           ? 
_refine.pdbx_data_cutoff_low_absF                ? 
_refine.pdbx_isotropic_thermal_model             ? 
_refine.pdbx_ls_cross_valid_method               'FREE R-VALUE' 
_refine.pdbx_method_to_determine_struct          'MOLECULAR REPLACEMENT' 
_refine.pdbx_starting_model                      6CS9 
_refine.pdbx_stereochemistry_target_values       'GeoStd + Monomer Library + CDL v1.2' 
_refine.pdbx_R_Free_selection_details            ? 
_refine.pdbx_stereochem_target_val_spec_case     ? 
_refine.pdbx_overall_ESU_R                       ? 
_refine.pdbx_overall_ESU_R_Free                  ? 
_refine.pdbx_solvent_vdw_probe_radii             1.1100 
_refine.pdbx_solvent_ion_probe_radii             ? 
_refine.pdbx_solvent_shrinkage_radii             0.9000 
_refine.pdbx_real_space_R                        ? 
_refine.pdbx_density_correlation                 ? 
_refine.pdbx_pd_number_of_powder_patterns        ? 
_refine.pdbx_pd_number_of_points                 ? 
_refine.pdbx_pd_meas_number_of_points            ? 
_refine.pdbx_pd_proc_ls_prof_R_factor            ? 
_refine.pdbx_pd_proc_ls_prof_wR_factor           ? 
_refine.pdbx_pd_Marquardt_correlation_coeff      ? 
_refine.pdbx_pd_Fsqrd_R_factor                   ? 
_refine.pdbx_pd_ls_matrix_band_width             ? 
_refine.pdbx_overall_phase_error                 26.0769 
_refine.pdbx_overall_SU_R_free_Cruickshank_DPI   ? 
_refine.pdbx_overall_SU_R_free_Blow_DPI          ? 
_refine.pdbx_overall_SU_R_Blow_DPI               ? 
_refine.pdbx_TLS_residual_ADP_flag               ? 
_refine.pdbx_diffrn_id                           1 
_refine.overall_SU_B                             ? 
_refine.overall_SU_ML                            0.2658 
_refine.overall_SU_R_Cruickshank_DPI             ? 
_refine.overall_SU_R_free                        ? 
_refine.overall_FOM_free_R_set                   ? 
_refine.overall_FOM_work_R_set                   ? 
_refine.pdbx_average_fsc_overall                 ? 
_refine.pdbx_average_fsc_work                    ? 
_refine.pdbx_average_fsc_free                    ? 
# 
_refine_hist.pdbx_refine_id                   'X-RAY DIFFRACTION' 
_refine_hist.cycle_id                         LAST 
_refine_hist.details                          ? 
_refine_hist.d_res_high                       1.80 
_refine_hist.d_res_low                        19.08 
_refine_hist.number_atoms_solvent             20 
_refine_hist.number_atoms_total               357 
_refine_hist.number_reflns_all                ? 
_refine_hist.number_reflns_obs                ? 
_refine_hist.number_reflns_R_free             ? 
_refine_hist.number_reflns_R_work             ? 
_refine_hist.R_factor_all                     ? 
_refine_hist.R_factor_obs                     ? 
_refine_hist.R_factor_R_free                  ? 
_refine_hist.R_factor_R_work                  ? 
_refine_hist.pdbx_number_residues_total       ? 
_refine_hist.pdbx_B_iso_mean_ligand           ? 
_refine_hist.pdbx_B_iso_mean_solvent          ? 
_refine_hist.pdbx_number_atoms_protein        316 
_refine_hist.pdbx_number_atoms_nucleic_acid   0 
_refine_hist.pdbx_number_atoms_ligand         21 
_refine_hist.pdbx_number_atoms_lipid          ? 
_refine_hist.pdbx_number_atoms_carb           ? 
_refine_hist.pdbx_pseudo_atom_details         ? 
# 
loop_
_refine_ls_restr.pdbx_refine_id 
_refine_ls_restr.criterion 
_refine_ls_restr.dev_ideal 
_refine_ls_restr.dev_ideal_target 
_refine_ls_restr.number 
_refine_ls_restr.rejects 
_refine_ls_restr.type 
_refine_ls_restr.weight 
_refine_ls_restr.pdbx_restraint_function 
'X-RAY DIFFRACTION' ? 0.0107  ? 343 ? f_bond_d           ? ? 
'X-RAY DIFFRACTION' ? 1.1815  ? 456 ? f_angle_d          ? ? 
'X-RAY DIFFRACTION' ? 0.0442  ? 38  ? f_chiral_restr     ? ? 
'X-RAY DIFFRACTION' ? 0.0072  ? 62  ? f_plane_restr      ? ? 
'X-RAY DIFFRACTION' ? 15.5483 ? 124 ? f_dihedral_angle_d ? ? 
# 
loop_
_refine_ls_shell.pdbx_refine_id 
_refine_ls_shell.d_res_high 
_refine_ls_shell.d_res_low 
_refine_ls_shell.number_reflns_all 
_refine_ls_shell.number_reflns_obs 
_refine_ls_shell.number_reflns_R_free 
_refine_ls_shell.number_reflns_R_work 
_refine_ls_shell.percent_reflns_obs 
_refine_ls_shell.percent_reflns_R_free 
_refine_ls_shell.R_factor_all 
_refine_ls_shell.R_factor_obs 
_refine_ls_shell.R_factor_R_free 
_refine_ls_shell.R_factor_R_free_error 
_refine_ls_shell.R_factor_R_work 
_refine_ls_shell.redundancy_reflns_all 
_refine_ls_shell.redundancy_reflns_obs 
_refine_ls_shell.wR_factor_all 
_refine_ls_shell.wR_factor_obs 
_refine_ls_shell.wR_factor_R_free 
_refine_ls_shell.wR_factor_R_work 
_refine_ls_shell.pdbx_R_complete 
_refine_ls_shell.pdbx_total_number_of_bins_used 
_refine_ls_shell.pdbx_phase_error 
_refine_ls_shell.pdbx_fsc_work 
_refine_ls_shell.pdbx_fsc_free 
'X-RAY DIFFRACTION' 1.80 2.27  . . 107 1729 87.76 . . . 0.3770 . 0.3229 . . . . . . . . . . . 
'X-RAY DIFFRACTION' 2.27 19.08 . . 104 1944 93.64 . . . 0.2208 . 0.2036 . . . . . . . . . . . 
# 
_struct.entry_id                     7T9Q 
_struct.title                        'Crystal structure of Crocodile defensin CpoBD13' 
_struct.pdbx_model_details           ? 
_struct.pdbx_formula_weight          ? 
_struct.pdbx_formula_weight_method   ? 
_struct.pdbx_model_type_details      ? 
_struct.pdbx_CASP_flag               N 
# 
_struct_keywords.entry_id        7T9Q 
_struct_keywords.text            'Defensin, ANTIMICROBIAL PROTEIN' 
_struct_keywords.pdbx_keywords   'ANTIMICROBIAL PROTEIN' 
# 
loop_
_struct_asym.id 
_struct_asym.pdbx_blank_PDB_chainid_flag 
_struct_asym.pdbx_modified 
_struct_asym.entity_id 
_struct_asym.details 
A N N 1 ? 
B N N 2 ? 
C N N 3 ? 
D N N 3 ? 
E N N 4 ? 
# 
_struct_ref.id                         1 
_struct_ref.db_name                    PDB 
_struct_ref.db_code                    7T9Q 
_struct_ref.pdbx_db_accession          7T9Q 
_struct_ref.pdbx_db_isoform            ? 
_struct_ref.entity_id                  1 
_struct_ref.pdbx_seq_one_letter_code   ? 
_struct_ref.pdbx_align_begin           1 
# 
_struct_ref_seq.align_id                      1 
_struct_ref_seq.ref_id                        1 
_struct_ref_seq.pdbx_PDB_id_code              7T9Q 
_struct_ref_seq.pdbx_strand_id                A 
_struct_ref_seq.seq_align_beg                 1 
_struct_ref_seq.pdbx_seq_align_beg_ins_code   ? 
_struct_ref_seq.seq_align_end                 38 
_struct_ref_seq.pdbx_seq_align_end_ins_code   ? 
_struct_ref_seq.pdbx_db_accession             7T9Q 
_struct_ref_seq.db_align_beg                  1 
_struct_ref_seq.pdbx_db_align_beg_ins_code    ? 
_struct_ref_seq.db_align_end                  38 
_struct_ref_seq.pdbx_db_align_end_ins_code    ? 
_struct_ref_seq.pdbx_auth_seq_align_beg       1 
_struct_ref_seq.pdbx_auth_seq_align_end       38 
# 
_pdbx_struct_assembly.id                   1 
_pdbx_struct_assembly.details              author_and_software_defined_assembly 
_pdbx_struct_assembly.method_details       PISA 
_pdbx_struct_assembly.oligomeric_details   monomeric 
_pdbx_struct_assembly.oligomeric_count     1 
# 
_pdbx_struct_assembly_gen.assembly_id       1 
_pdbx_struct_assembly_gen.oper_expression   1 
_pdbx_struct_assembly_gen.asym_id_list      A,B,C,D,E 
# 
_pdbx_struct_assembly_auth_evidence.id                     1 
_pdbx_struct_assembly_auth_evidence.assembly_id            1 
_pdbx_struct_assembly_auth_evidence.experimental_support   none 
_pdbx_struct_assembly_auth_evidence.details                ? 
# 
_pdbx_struct_oper_list.id                   1 
_pdbx_struct_oper_list.type                 'identity operation' 
_pdbx_struct_oper_list.name                 1_555 
_pdbx_struct_oper_list.symmetry_operation   x,y,z 
_pdbx_struct_oper_list.matrix[1][1]         1.0000000000 
_pdbx_struct_oper_list.matrix[1][2]         0.0000000000 
_pdbx_struct_oper_list.matrix[1][3]         0.0000000000 
_pdbx_struct_oper_list.vector[1]            0.0000000000 
_pdbx_struct_oper_list.matrix[2][1]         0.0000000000 
_pdbx_struct_oper_list.matrix[2][2]         1.0000000000 
_pdbx_struct_oper_list.matrix[2][3]         0.0000000000 
_pdbx_struct_oper_list.vector[2]            0.0000000000 
_pdbx_struct_oper_list.matrix[3][1]         0.0000000000 
_pdbx_struct_oper_list.matrix[3][2]         0.0000000000 
_pdbx_struct_oper_list.matrix[3][3]         1.0000000000 
_pdbx_struct_oper_list.vector[3]            0.0000000000 
# 
_struct_conf.conf_type_id            HELX_P 
_struct_conf.id                      HELX_P1 
_struct_conf.pdbx_PDB_helix_id       AA1 
_struct_conf.beg_label_comp_id       TYR 
_struct_conf.beg_label_asym_id       A 
_struct_conf.beg_label_seq_id        2 
_struct_conf.pdbx_beg_PDB_ins_code   ? 
_struct_conf.end_label_comp_id       ASN 
_struct_conf.end_label_asym_id       A 
_struct_conf.end_label_seq_id        11 
_struct_conf.pdbx_end_PDB_ins_code   ? 
_struct_conf.beg_auth_comp_id        TYR 
_struct_conf.beg_auth_asym_id        A 
_struct_conf.beg_auth_seq_id         2 
_struct_conf.end_auth_comp_id        ASN 
_struct_conf.end_auth_asym_id        A 
_struct_conf.end_auth_seq_id         11 
_struct_conf.pdbx_PDB_helix_class    1 
_struct_conf.details                 ? 
_struct_conf.pdbx_PDB_helix_length   10 
# 
_struct_conf_type.id          HELX_P 
_struct_conf_type.criteria    ? 
_struct_conf_type.reference   ? 
# 
loop_
_struct_conn.id 
_struct_conn.conn_type_id 
_struct_conn.pdbx_leaving_atom_flag 
_struct_conn.pdbx_PDB_id 
_struct_conn.ptnr1_label_asym_id 
_struct_conn.ptnr1_label_comp_id 
_struct_conn.ptnr1_label_seq_id 
_struct_conn.ptnr1_label_atom_id 
_struct_conn.pdbx_ptnr1_label_alt_id 
_struct_conn.pdbx_ptnr1_PDB_ins_code 
_struct_conn.pdbx_ptnr1_standard_comp_id 
_struct_conn.ptnr1_symmetry 
_struct_conn.ptnr2_label_asym_id 
_struct_conn.ptnr2_label_comp_id 
_struct_conn.ptnr2_label_seq_id 
_struct_conn.ptnr2_label_atom_id 
_struct_conn.pdbx_ptnr2_label_alt_id 
_struct_conn.pdbx_ptnr2_PDB_ins_code 
_struct_conn.ptnr1_auth_asym_id 
_struct_conn.ptnr1_auth_comp_id 
_struct_conn.ptnr1_auth_seq_id 
_struct_conn.ptnr2_auth_asym_id 
_struct_conn.ptnr2_auth_comp_id 
_struct_conn.ptnr2_auth_seq_id 
_struct_conn.ptnr2_symmetry 
_struct_conn.pdbx_ptnr3_label_atom_id 
_struct_conn.pdbx_ptnr3_label_seq_id 
_struct_conn.pdbx_ptnr3_label_comp_id 
_struct_conn.pdbx_ptnr3_label_asym_id 
_struct_conn.pdbx_ptnr3_label_alt_id 
_struct_conn.pdbx_ptnr3_PDB_ins_code 
_struct_conn.details 
_struct_conn.pdbx_dist_value 
_struct_conn.pdbx_value_order 
_struct_conn.pdbx_role 
disulf1 disulf ? ? A CYS 8  SG ? ? ? 1_555 A CYS 36 SG ? ? A CYS 8  A CYS 36 1_555 ? ? ? ? ? ? ? 2.020 ? ? 
disulf2 disulf ? ? A CYS 15 SG ? ? ? 1_555 A CYS 29 SG ? ? A CYS 15 A CYS 29 1_555 ? ? ? ? ? ? ? 2.037 ? ? 
disulf3 disulf ? ? A CYS 19 SG ? ? ? 1_555 A CYS 37 SG ? ? A CYS 19 A CYS 37 1_555 ? ? ? ? ? ? ? 1.971 ? ? 
# 
_struct_conn_type.id          disulf 
_struct_conn_type.criteria    ? 
_struct_conn_type.reference   ? 
# 
loop_
_pdbx_modification_feature.ordinal 
_pdbx_modification_feature.label_comp_id 
_pdbx_modification_feature.label_asym_id 
_pdbx_modification_feature.label_seq_id 
_pdbx_modification_feature.label_alt_id 
_pdbx_modification_feature.modified_residue_label_comp_id 
_pdbx_modification_feature.modified_residue_label_asym_id 
_pdbx_modification_feature.modified_residue_label_seq_id 
_pdbx_modification_feature.modified_residue_label_alt_id 
_pdbx_modification_feature.auth_comp_id 
_pdbx_modification_feature.auth_asym_id 
_pdbx_modification_feature.auth_seq_id 
_pdbx_modification_feature.PDB_ins_code 
_pdbx_modification_feature.symmetry 
_pdbx_modification_feature.modified_residue_auth_comp_id 
_pdbx_modification_feature.modified_residue_auth_asym_id 
_pdbx_modification_feature.modified_residue_auth_seq_id 
_pdbx_modification_feature.modified_residue_PDB_ins_code 
_pdbx_modification_feature.modified_residue_symmetry 
_pdbx_modification_feature.comp_id_linking_atom 
_pdbx_modification_feature.modified_residue_id_linking_atom 
_pdbx_modification_feature.modified_residue_id 
_pdbx_modification_feature.ref_pcm_id 
_pdbx_modification_feature.ref_comp_id 
_pdbx_modification_feature.type 
_pdbx_modification_feature.category 
1 CYS A 8  ? CYS A 36 ? CYS A 8  ? 1_555 CYS A 36 ? 1_555 SG SG . . . None 'Disulfide bridge' 
2 CYS A 15 ? CYS A 29 ? CYS A 15 ? 1_555 CYS A 29 ? 1_555 SG SG . . . None 'Disulfide bridge' 
3 CYS A 19 ? CYS A 37 ? CYS A 19 ? 1_555 CYS A 37 ? 1_555 SG SG . . . None 'Disulfide bridge' 
# 
_struct_sheet.id               AA1 
_struct_sheet.type             ? 
_struct_sheet.number_strands   3 
_struct_sheet.details          ? 
# 
loop_
_struct_sheet_order.sheet_id 
_struct_sheet_order.range_id_1 
_struct_sheet_order.range_id_2 
_struct_sheet_order.offset 
_struct_sheet_order.sense 
AA1 1 2 ? anti-parallel 
AA1 2 3 ? anti-parallel 
# 
loop_
_struct_sheet_range.sheet_id 
_struct_sheet_range.id 
_struct_sheet_range.beg_label_comp_id 
_struct_sheet_range.beg_label_asym_id 
_struct_sheet_range.beg_label_seq_id 
_struct_sheet_range.pdbx_beg_PDB_ins_code 
_struct_sheet_range.end_label_comp_id 
_struct_sheet_range.end_label_asym_id 
_struct_sheet_range.end_label_seq_id 
_struct_sheet_range.pdbx_end_PDB_ins_code 
_struct_sheet_range.beg_auth_comp_id 
_struct_sheet_range.beg_auth_asym_id 
_struct_sheet_range.beg_auth_seq_id 
_struct_sheet_range.end_auth_comp_id 
_struct_sheet_range.end_auth_asym_id 
_struct_sheet_range.end_auth_seq_id 
AA1 1 HIS A 14 ? ARG A 16 ? HIS A 14 ARG A 16 
AA1 2 HIS A 35 ? CYS A 37 ? HIS A 35 CYS A 37 
AA1 3 TRP A 25 ? ASN A 28 ? TRP A 25 ASN A 28 
# 
loop_
_pdbx_struct_sheet_hbond.sheet_id 
_pdbx_struct_sheet_hbond.range_id_1 
_pdbx_struct_sheet_hbond.range_id_2 
_pdbx_struct_sheet_hbond.range_1_label_atom_id 
_pdbx_struct_sheet_hbond.range_1_label_comp_id 
_pdbx_struct_sheet_hbond.range_1_label_asym_id 
_pdbx_struct_sheet_hbond.range_1_label_seq_id 
_pdbx_struct_sheet_hbond.range_1_PDB_ins_code 
_pdbx_struct_sheet_hbond.range_1_auth_atom_id 
_pdbx_struct_sheet_hbond.range_1_auth_comp_id 
_pdbx_struct_sheet_hbond.range_1_auth_asym_id 
_pdbx_struct_sheet_hbond.range_1_auth_seq_id 
_pdbx_struct_sheet_hbond.range_2_label_atom_id 
_pdbx_struct_sheet_hbond.range_2_label_comp_id 
_pdbx_struct_sheet_hbond.range_2_label_asym_id 
_pdbx_struct_sheet_hbond.range_2_label_seq_id 
_pdbx_struct_sheet_hbond.range_2_PDB_ins_code 
_pdbx_struct_sheet_hbond.range_2_auth_atom_id 
_pdbx_struct_sheet_hbond.range_2_auth_comp_id 
_pdbx_struct_sheet_hbond.range_2_auth_asym_id 
_pdbx_struct_sheet_hbond.range_2_auth_seq_id 
AA1 1 2 N HIS A 14 ? N HIS A 14 O CYS A 37 ? O CYS A 37 
AA1 2 3 O CYS A 36 ? O CYS A 36 N GLY A 27 ? N GLY A 27 
# 
_pdbx_entry_details.entry_id                   7T9Q 
_pdbx_entry_details.has_ligand_of_interest     N 
_pdbx_entry_details.compound_details           ? 
_pdbx_entry_details.source_details             ? 
_pdbx_entry_details.nonpolymer_details         ? 
_pdbx_entry_details.sequence_details           ? 
_pdbx_entry_details.has_protein_modification   Y 
# 
loop_
_pdbx_struct_special_symmetry.id 
_pdbx_struct_special_symmetry.PDB_model_num 
_pdbx_struct_special_symmetry.auth_asym_id 
_pdbx_struct_special_symmetry.auth_comp_id 
_pdbx_struct_special_symmetry.auth_seq_id 
_pdbx_struct_special_symmetry.PDB_ins_code 
_pdbx_struct_special_symmetry.label_asym_id 
_pdbx_struct_special_symmetry.label_comp_id 
_pdbx_struct_special_symmetry.label_seq_id 
1 1 A HOH 216 ? E HOH . 
2 1 A HOH 217 ? E HOH . 
3 1 A HOH 220 ? E HOH . 
# 
loop_
_space_group_symop.id 
_space_group_symop.operation_xyz 
1 x,y,z               
2 x,-y,-z             
3 -x,y,-z+1/2         
4 -x,-y,z+1/2         
5 x+1/2,y+1/2,z       
6 x+1/2,-y+1/2,-z     
7 -x+1/2,y+1/2,-z+1/2 
8 -x+1/2,-y+1/2,z+1/2 
# 
_pdbx_distant_solvent_atoms.id                                1 
_pdbx_distant_solvent_atoms.PDB_model_num                     1 
_pdbx_distant_solvent_atoms.auth_atom_id                      O 
_pdbx_distant_solvent_atoms.label_alt_id                      ? 
_pdbx_distant_solvent_atoms.auth_asym_id                      A 
_pdbx_distant_solvent_atoms.auth_comp_id                      HOH 
_pdbx_distant_solvent_atoms.auth_seq_id                       220 
_pdbx_distant_solvent_atoms.PDB_ins_code                      ? 
_pdbx_distant_solvent_atoms.neighbor_macromolecule_distance   7.50 
_pdbx_distant_solvent_atoms.neighbor_ligand_distance          . 
# 
loop_
_chem_comp_atom.comp_id 
_chem_comp_atom.atom_id 
_chem_comp_atom.type_symbol 
_chem_comp_atom.pdbx_aromatic_flag 
_chem_comp_atom.pdbx_stereo_config 
_chem_comp_atom.pdbx_ordinal 
ARG N    N N N 1   
ARG CA   C N S 2   
ARG C    C N N 3   
ARG O    O N N 4   
ARG CB   C N N 5   
ARG CG   C N N 6   
ARG CD   C N N 7   
ARG NE   N N N 8   
ARG CZ   C N N 9   
ARG NH1  N N N 10  
ARG NH2  N N N 11  
ARG OXT  O N N 12  
ARG H    H N N 13  
ARG H2   H N N 14  
ARG HA   H N N 15  
ARG HB2  H N N 16  
ARG HB3  H N N 17  
ARG HG2  H N N 18  
ARG HG3  H N N 19  
ARG HD2  H N N 20  
ARG HD3  H N N 21  
ARG HE   H N N 22  
ARG HH11 H N N 23  
ARG HH12 H N N 24  
ARG HH21 H N N 25  
ARG HH22 H N N 26  
ARG HXT  H N N 27  
ASN N    N N N 28  
ASN CA   C N S 29  
ASN C    C N N 30  
ASN O    O N N 31  
ASN CB   C N N 32  
ASN CG   C N N 33  
ASN OD1  O N N 34  
ASN ND2  N N N 35  
ASN OXT  O N N 36  
ASN H    H N N 37  
ASN H2   H N N 38  
ASN HA   H N N 39  
ASN HB2  H N N 40  
ASN HB3  H N N 41  
ASN HD21 H N N 42  
ASN HD22 H N N 43  
ASN HXT  H N N 44  
CYS N    N N N 45  
CYS CA   C N R 46  
CYS C    C N N 47  
CYS O    O N N 48  
CYS CB   C N N 49  
CYS SG   S N N 50  
CYS OXT  O N N 51  
CYS H    H N N 52  
CYS H2   H N N 53  
CYS HA   H N N 54  
CYS HB2  H N N 55  
CYS HB3  H N N 56  
CYS HG   H N N 57  
CYS HXT  H N N 58  
EDO C1   C N N 59  
EDO O1   O N N 60  
EDO C2   C N N 61  
EDO O2   O N N 62  
EDO H11  H N N 63  
EDO H12  H N N 64  
EDO HO1  H N N 65  
EDO H21  H N N 66  
EDO H22  H N N 67  
EDO HO2  H N N 68  
FLC CAC  C N N 69  
FLC CA   C N N 70  
FLC CB   C N N 71  
FLC CBC  C N N 72  
FLC CG   C N N 73  
FLC CGC  C N N 74  
FLC OA1  O N N 75  
FLC OA2  O N N 76  
FLC OB1  O N N 77  
FLC OB2  O N N 78  
FLC OG1  O N N 79  
FLC OG2  O N N 80  
FLC OHB  O N N 81  
FLC HA1  H N N 82  
FLC HA2  H N N 83  
FLC HG1  H N N 84  
FLC HG2  H N N 85  
FLC HOB  H N N 86  
GLN N    N N N 87  
GLN CA   C N S 88  
GLN C    C N N 89  
GLN O    O N N 90  
GLN CB   C N N 91  
GLN CG   C N N 92  
GLN CD   C N N 93  
GLN OE1  O N N 94  
GLN NE2  N N N 95  
GLN OXT  O N N 96  
GLN H    H N N 97  
GLN H2   H N N 98  
GLN HA   H N N 99  
GLN HB2  H N N 100 
GLN HB3  H N N 101 
GLN HG2  H N N 102 
GLN HG3  H N N 103 
GLN HE21 H N N 104 
GLN HE22 H N N 105 
GLN HXT  H N N 106 
GLU N    N N N 107 
GLU CA   C N S 108 
GLU C    C N N 109 
GLU O    O N N 110 
GLU CB   C N N 111 
GLU CG   C N N 112 
GLU CD   C N N 113 
GLU OE1  O N N 114 
GLU OE2  O N N 115 
GLU OXT  O N N 116 
GLU H    H N N 117 
GLU H2   H N N 118 
GLU HA   H N N 119 
GLU HB2  H N N 120 
GLU HB3  H N N 121 
GLU HG2  H N N 122 
GLU HG3  H N N 123 
GLU HE2  H N N 124 
GLU HXT  H N N 125 
GLY N    N N N 126 
GLY CA   C N N 127 
GLY C    C N N 128 
GLY O    O N N 129 
GLY OXT  O N N 130 
GLY H    H N N 131 
GLY H2   H N N 132 
GLY HA2  H N N 133 
GLY HA3  H N N 134 
GLY HXT  H N N 135 
HIS N    N N N 136 
HIS CA   C N S 137 
HIS C    C N N 138 
HIS O    O N N 139 
HIS CB   C N N 140 
HIS CG   C Y N 141 
HIS ND1  N Y N 142 
HIS CD2  C Y N 143 
HIS CE1  C Y N 144 
HIS NE2  N Y N 145 
HIS OXT  O N N 146 
HIS H    H N N 147 
HIS H2   H N N 148 
HIS HA   H N N 149 
HIS HB2  H N N 150 
HIS HB3  H N N 151 
HIS HD1  H N N 152 
HIS HD2  H N N 153 
HIS HE1  H N N 154 
HIS HE2  H N N 155 
HIS HXT  H N N 156 
HOH O    O N N 157 
HOH H1   H N N 158 
HOH H2   H N N 159 
ILE N    N N N 160 
ILE CA   C N S 161 
ILE C    C N N 162 
ILE O    O N N 163 
ILE CB   C N S 164 
ILE CG1  C N N 165 
ILE CG2  C N N 166 
ILE CD1  C N N 167 
ILE OXT  O N N 168 
ILE H    H N N 169 
ILE H2   H N N 170 
ILE HA   H N N 171 
ILE HB   H N N 172 
ILE HG12 H N N 173 
ILE HG13 H N N 174 
ILE HG21 H N N 175 
ILE HG22 H N N 176 
ILE HG23 H N N 177 
ILE HD11 H N N 178 
ILE HD12 H N N 179 
ILE HD13 H N N 180 
ILE HXT  H N N 181 
LEU N    N N N 182 
LEU CA   C N S 183 
LEU C    C N N 184 
LEU O    O N N 185 
LEU CB   C N N 186 
LEU CG   C N N 187 
LEU CD1  C N N 188 
LEU CD2  C N N 189 
LEU OXT  O N N 190 
LEU H    H N N 191 
LEU H2   H N N 192 
LEU HA   H N N 193 
LEU HB2  H N N 194 
LEU HB3  H N N 195 
LEU HG   H N N 196 
LEU HD11 H N N 197 
LEU HD12 H N N 198 
LEU HD13 H N N 199 
LEU HD21 H N N 200 
LEU HD22 H N N 201 
LEU HD23 H N N 202 
LEU HXT  H N N 203 
LYS N    N N N 204 
LYS CA   C N S 205 
LYS C    C N N 206 
LYS O    O N N 207 
LYS CB   C N N 208 
LYS CG   C N N 209 
LYS CD   C N N 210 
LYS CE   C N N 211 
LYS NZ   N N N 212 
LYS OXT  O N N 213 
LYS H    H N N 214 
LYS H2   H N N 215 
LYS HA   H N N 216 
LYS HB2  H N N 217 
LYS HB3  H N N 218 
LYS HG2  H N N 219 
LYS HG3  H N N 220 
LYS HD2  H N N 221 
LYS HD3  H N N 222 
LYS HE2  H N N 223 
LYS HE3  H N N 224 
LYS HZ1  H N N 225 
LYS HZ2  H N N 226 
LYS HZ3  H N N 227 
LYS HXT  H N N 228 
PHE N    N N N 229 
PHE CA   C N S 230 
PHE C    C N N 231 
PHE O    O N N 232 
PHE CB   C N N 233 
PHE CG   C Y N 234 
PHE CD1  C Y N 235 
PHE CD2  C Y N 236 
PHE CE1  C Y N 237 
PHE CE2  C Y N 238 
PHE CZ   C Y N 239 
PHE OXT  O N N 240 
PHE H    H N N 241 
PHE H2   H N N 242 
PHE HA   H N N 243 
PHE HB2  H N N 244 
PHE HB3  H N N 245 
PHE HD1  H N N 246 
PHE HD2  H N N 247 
PHE HE1  H N N 248 
PHE HE2  H N N 249 
PHE HZ   H N N 250 
PHE HXT  H N N 251 
SER N    N N N 252 
SER CA   C N S 253 
SER C    C N N 254 
SER O    O N N 255 
SER CB   C N N 256 
SER OG   O N N 257 
SER OXT  O N N 258 
SER H    H N N 259 
SER H2   H N N 260 
SER HA   H N N 261 
SER HB2  H N N 262 
SER HB3  H N N 263 
SER HG   H N N 264 
SER HXT  H N N 265 
THR N    N N N 266 
THR CA   C N S 267 
THR C    C N N 268 
THR O    O N N 269 
THR CB   C N R 270 
THR OG1  O N N 271 
THR CG2  C N N 272 
THR OXT  O N N 273 
THR H    H N N 274 
THR H2   H N N 275 
THR HA   H N N 276 
THR HB   H N N 277 
THR HG1  H N N 278 
THR HG21 H N N 279 
THR HG22 H N N 280 
THR HG23 H N N 281 
THR HXT  H N N 282 
TRP N    N N N 283 
TRP CA   C N S 284 
TRP C    C N N 285 
TRP O    O N N 286 
TRP CB   C N N 287 
TRP CG   C Y N 288 
TRP CD1  C Y N 289 
TRP CD2  C Y N 290 
TRP NE1  N Y N 291 
TRP CE2  C Y N 292 
TRP CE3  C Y N 293 
TRP CZ2  C Y N 294 
TRP CZ3  C Y N 295 
TRP CH2  C Y N 296 
TRP OXT  O N N 297 
TRP H    H N N 298 
TRP H2   H N N 299 
TRP HA   H N N 300 
TRP HB2  H N N 301 
TRP HB3  H N N 302 
TRP HD1  H N N 303 
TRP HE1  H N N 304 
TRP HE3  H N N 305 
TRP HZ2  H N N 306 
TRP HZ3  H N N 307 
TRP HH2  H N N 308 
TRP HXT  H N N 309 
TYR N    N N N 310 
TYR CA   C N S 311 
TYR C    C N N 312 
TYR O    O N N 313 
TYR CB   C N N 314 
TYR CG   C Y N 315 
TYR CD1  C Y N 316 
TYR CD2  C Y N 317 
TYR CE1  C Y N 318 
TYR CE2  C Y N 319 
TYR CZ   C Y N 320 
TYR OH   O N N 321 
TYR OXT  O N N 322 
TYR H    H N N 323 
TYR H2   H N N 324 
TYR HA   H N N 325 
TYR HB2  H N N 326 
TYR HB3  H N N 327 
TYR HD1  H N N 328 
TYR HD2  H N N 329 
TYR HE1  H N N 330 
TYR HE2  H N N 331 
TYR HH   H N N 332 
TYR HXT  H N N 333 
# 
loop_
_chem_comp_bond.comp_id 
_chem_comp_bond.atom_id_1 
_chem_comp_bond.atom_id_2 
_chem_comp_bond.value_order 
_chem_comp_bond.pdbx_aromatic_flag 
_chem_comp_bond.pdbx_stereo_config 
_chem_comp_bond.pdbx_ordinal 
ARG N   CA   sing N N 1   
ARG N   H    sing N N 2   
ARG N   H2   sing N N 3   
ARG CA  C    sing N N 4   
ARG CA  CB   sing N N 5   
ARG CA  HA   sing N N 6   
ARG C   O    doub N N 7   
ARG C   OXT  sing N N 8   
ARG CB  CG   sing N N 9   
ARG CB  HB2  sing N N 10  
ARG CB  HB3  sing N N 11  
ARG CG  CD   sing N N 12  
ARG CG  HG2  sing N N 13  
ARG CG  HG3  sing N N 14  
ARG CD  NE   sing N N 15  
ARG CD  HD2  sing N N 16  
ARG CD  HD3  sing N N 17  
ARG NE  CZ   sing N N 18  
ARG NE  HE   sing N N 19  
ARG CZ  NH1  sing N N 20  
ARG CZ  NH2  doub N N 21  
ARG NH1 HH11 sing N N 22  
ARG NH1 HH12 sing N N 23  
ARG NH2 HH21 sing N N 24  
ARG NH2 HH22 sing N N 25  
ARG OXT HXT  sing N N 26  
ASN N   CA   sing N N 27  
ASN N   H    sing N N 28  
ASN N   H2   sing N N 29  
ASN CA  C    sing N N 30  
ASN CA  CB   sing N N 31  
ASN CA  HA   sing N N 32  
ASN C   O    doub N N 33  
ASN C   OXT  sing N N 34  
ASN CB  CG   sing N N 35  
ASN CB  HB2  sing N N 36  
ASN CB  HB3  sing N N 37  
ASN CG  OD1  doub N N 38  
ASN CG  ND2  sing N N 39  
ASN ND2 HD21 sing N N 40  
ASN ND2 HD22 sing N N 41  
ASN OXT HXT  sing N N 42  
CYS N   CA   sing N N 43  
CYS N   H    sing N N 44  
CYS N   H2   sing N N 45  
CYS CA  C    sing N N 46  
CYS CA  CB   sing N N 47  
CYS CA  HA   sing N N 48  
CYS C   O    doub N N 49  
CYS C   OXT  sing N N 50  
CYS CB  SG   sing N N 51  
CYS CB  HB2  sing N N 52  
CYS CB  HB3  sing N N 53  
CYS SG  HG   sing N N 54  
CYS OXT HXT  sing N N 55  
EDO C1  O1   sing N N 56  
EDO C1  C2   sing N N 57  
EDO C1  H11  sing N N 58  
EDO C1  H12  sing N N 59  
EDO O1  HO1  sing N N 60  
EDO C2  O2   sing N N 61  
EDO C2  H21  sing N N 62  
EDO C2  H22  sing N N 63  
EDO O2  HO2  sing N N 64  
FLC CAC CA   sing N N 65  
FLC CAC OA1  doub N N 66  
FLC CAC OA2  sing N N 67  
FLC CA  CB   sing N N 68  
FLC CA  HA1  sing N N 69  
FLC CA  HA2  sing N N 70  
FLC CB  CBC  sing N N 71  
FLC CB  CG   sing N N 72  
FLC CB  OHB  sing N N 73  
FLC CBC OB1  doub N N 74  
FLC CBC OB2  sing N N 75  
FLC CG  CGC  sing N N 76  
FLC CG  HG1  sing N N 77  
FLC CG  HG2  sing N N 78  
FLC CGC OG1  doub N N 79  
FLC CGC OG2  sing N N 80  
FLC OHB HOB  sing N N 81  
GLN N   CA   sing N N 82  
GLN N   H    sing N N 83  
GLN N   H2   sing N N 84  
GLN CA  C    sing N N 85  
GLN CA  CB   sing N N 86  
GLN CA  HA   sing N N 87  
GLN C   O    doub N N 88  
GLN C   OXT  sing N N 89  
GLN CB  CG   sing N N 90  
GLN CB  HB2  sing N N 91  
GLN CB  HB3  sing N N 92  
GLN CG  CD   sing N N 93  
GLN CG  HG2  sing N N 94  
GLN CG  HG3  sing N N 95  
GLN CD  OE1  doub N N 96  
GLN CD  NE2  sing N N 97  
GLN NE2 HE21 sing N N 98  
GLN NE2 HE22 sing N N 99  
GLN OXT HXT  sing N N 100 
GLU N   CA   sing N N 101 
GLU N   H    sing N N 102 
GLU N   H2   sing N N 103 
GLU CA  C    sing N N 104 
GLU CA  CB   sing N N 105 
GLU CA  HA   sing N N 106 
GLU C   O    doub N N 107 
GLU C   OXT  sing N N 108 
GLU CB  CG   sing N N 109 
GLU CB  HB2  sing N N 110 
GLU CB  HB3  sing N N 111 
GLU CG  CD   sing N N 112 
GLU CG  HG2  sing N N 113 
GLU CG  HG3  sing N N 114 
GLU CD  OE1  doub N N 115 
GLU CD  OE2  sing N N 116 
GLU OE2 HE2  sing N N 117 
GLU OXT HXT  sing N N 118 
GLY N   CA   sing N N 119 
GLY N   H    sing N N 120 
GLY N   H2   sing N N 121 
GLY CA  C    sing N N 122 
GLY CA  HA2  sing N N 123 
GLY CA  HA3  sing N N 124 
GLY C   O    doub N N 125 
GLY C   OXT  sing N N 126 
GLY OXT HXT  sing N N 127 
HIS N   CA   sing N N 128 
HIS N   H    sing N N 129 
HIS N   H2   sing N N 130 
HIS CA  C    sing N N 131 
HIS CA  CB   sing N N 132 
HIS CA  HA   sing N N 133 
HIS C   O    doub N N 134 
HIS C   OXT  sing N N 135 
HIS CB  CG   sing N N 136 
HIS CB  HB2  sing N N 137 
HIS CB  HB3  sing N N 138 
HIS CG  ND1  sing Y N 139 
HIS CG  CD2  doub Y N 140 
HIS ND1 CE1  doub Y N 141 
HIS ND1 HD1  sing N N 142 
HIS CD2 NE2  sing Y N 143 
HIS CD2 HD2  sing N N 144 
HIS CE1 NE2  sing Y N 145 
HIS CE1 HE1  sing N N 146 
HIS NE2 HE2  sing N N 147 
HIS OXT HXT  sing N N 148 
HOH O   H1   sing N N 149 
HOH O   H2   sing N N 150 
ILE N   CA   sing N N 151 
ILE N   H    sing N N 152 
ILE N   H2   sing N N 153 
ILE CA  C    sing N N 154 
ILE CA  CB   sing N N 155 
ILE CA  HA   sing N N 156 
ILE C   O    doub N N 157 
ILE C   OXT  sing N N 158 
ILE CB  CG1  sing N N 159 
ILE CB  CG2  sing N N 160 
ILE CB  HB   sing N N 161 
ILE CG1 CD1  sing N N 162 
ILE CG1 HG12 sing N N 163 
ILE CG1 HG13 sing N N 164 
ILE CG2 HG21 sing N N 165 
ILE CG2 HG22 sing N N 166 
ILE CG2 HG23 sing N N 167 
ILE CD1 HD11 sing N N 168 
ILE CD1 HD12 sing N N 169 
ILE CD1 HD13 sing N N 170 
ILE OXT HXT  sing N N 171 
LEU N   CA   sing N N 172 
LEU N   H    sing N N 173 
LEU N   H2   sing N N 174 
LEU CA  C    sing N N 175 
LEU CA  CB   sing N N 176 
LEU CA  HA   sing N N 177 
LEU C   O    doub N N 178 
LEU C   OXT  sing N N 179 
LEU CB  CG   sing N N 180 
LEU CB  HB2  sing N N 181 
LEU CB  HB3  sing N N 182 
LEU CG  CD1  sing N N 183 
LEU CG  CD2  sing N N 184 
LEU CG  HG   sing N N 185 
LEU CD1 HD11 sing N N 186 
LEU CD1 HD12 sing N N 187 
LEU CD1 HD13 sing N N 188 
LEU CD2 HD21 sing N N 189 
LEU CD2 HD22 sing N N 190 
LEU CD2 HD23 sing N N 191 
LEU OXT HXT  sing N N 192 
LYS N   CA   sing N N 193 
LYS N   H    sing N N 194 
LYS N   H2   sing N N 195 
LYS CA  C    sing N N 196 
LYS CA  CB   sing N N 197 
LYS CA  HA   sing N N 198 
LYS C   O    doub N N 199 
LYS C   OXT  sing N N 200 
LYS CB  CG   sing N N 201 
LYS CB  HB2  sing N N 202 
LYS CB  HB3  sing N N 203 
LYS CG  CD   sing N N 204 
LYS CG  HG2  sing N N 205 
LYS CG  HG3  sing N N 206 
LYS CD  CE   sing N N 207 
LYS CD  HD2  sing N N 208 
LYS CD  HD3  sing N N 209 
LYS CE  NZ   sing N N 210 
LYS CE  HE2  sing N N 211 
LYS CE  HE3  sing N N 212 
LYS NZ  HZ1  sing N N 213 
LYS NZ  HZ2  sing N N 214 
LYS NZ  HZ3  sing N N 215 
LYS OXT HXT  sing N N 216 
PHE N   CA   sing N N 217 
PHE N   H    sing N N 218 
PHE N   H2   sing N N 219 
PHE CA  C    sing N N 220 
PHE CA  CB   sing N N 221 
PHE CA  HA   sing N N 222 
PHE C   O    doub N N 223 
PHE C   OXT  sing N N 224 
PHE CB  CG   sing N N 225 
PHE CB  HB2  sing N N 226 
PHE CB  HB3  sing N N 227 
PHE CG  CD1  doub Y N 228 
PHE CG  CD2  sing Y N 229 
PHE CD1 CE1  sing Y N 230 
PHE CD1 HD1  sing N N 231 
PHE CD2 CE2  doub Y N 232 
PHE CD2 HD2  sing N N 233 
PHE CE1 CZ   doub Y N 234 
PHE CE1 HE1  sing N N 235 
PHE CE2 CZ   sing Y N 236 
PHE CE2 HE2  sing N N 237 
PHE CZ  HZ   sing N N 238 
PHE OXT HXT  sing N N 239 
SER N   CA   sing N N 240 
SER N   H    sing N N 241 
SER N   H2   sing N N 242 
SER CA  C    sing N N 243 
SER CA  CB   sing N N 244 
SER CA  HA   sing N N 245 
SER C   O    doub N N 246 
SER C   OXT  sing N N 247 
SER CB  OG   sing N N 248 
SER CB  HB2  sing N N 249 
SER CB  HB3  sing N N 250 
SER OG  HG   sing N N 251 
SER OXT HXT  sing N N 252 
THR N   CA   sing N N 253 
THR N   H    sing N N 254 
THR N   H2   sing N N 255 
THR CA  C    sing N N 256 
THR CA  CB   sing N N 257 
THR CA  HA   sing N N 258 
THR C   O    doub N N 259 
THR C   OXT  sing N N 260 
THR CB  OG1  sing N N 261 
THR CB  CG2  sing N N 262 
THR CB  HB   sing N N 263 
THR OG1 HG1  sing N N 264 
THR CG2 HG21 sing N N 265 
THR CG2 HG22 sing N N 266 
THR CG2 HG23 sing N N 267 
THR OXT HXT  sing N N 268 
TRP N   CA   sing N N 269 
TRP N   H    sing N N 270 
TRP N   H2   sing N N 271 
TRP CA  C    sing N N 272 
TRP CA  CB   sing N N 273 
TRP CA  HA   sing N N 274 
TRP C   O    doub N N 275 
TRP C   OXT  sing N N 276 
TRP CB  CG   sing N N 277 
TRP CB  HB2  sing N N 278 
TRP CB  HB3  sing N N 279 
TRP CG  CD1  doub Y N 280 
TRP CG  CD2  sing Y N 281 
TRP CD1 NE1  sing Y N 282 
TRP CD1 HD1  sing N N 283 
TRP CD2 CE2  doub Y N 284 
TRP CD2 CE3  sing Y N 285 
TRP NE1 CE2  sing Y N 286 
TRP NE1 HE1  sing N N 287 
TRP CE2 CZ2  sing Y N 288 
TRP CE3 CZ3  doub Y N 289 
TRP CE3 HE3  sing N N 290 
TRP CZ2 CH2  doub Y N 291 
TRP CZ2 HZ2  sing N N 292 
TRP CZ3 CH2  sing Y N 293 
TRP CZ3 HZ3  sing N N 294 
TRP CH2 HH2  sing N N 295 
TRP OXT HXT  sing N N 296 
TYR N   CA   sing N N 297 
TYR N   H    sing N N 298 
TYR N   H2   sing N N 299 
TYR CA  C    sing N N 300 
TYR CA  CB   sing N N 301 
TYR CA  HA   sing N N 302 
TYR C   O    doub N N 303 
TYR C   OXT  sing N N 304 
TYR CB  CG   sing N N 305 
TYR CB  HB2  sing N N 306 
TYR CB  HB3  sing N N 307 
TYR CG  CD1  doub Y N 308 
TYR CG  CD2  sing Y N 309 
TYR CD1 CE1  sing Y N 310 
TYR CD1 HD1  sing N N 311 
TYR CD2 CE2  doub Y N 312 
TYR CD2 HD2  sing N N 313 
TYR CE1 CZ   doub Y N 314 
TYR CE1 HE1  sing N N 315 
TYR CE2 CZ   sing Y N 316 
TYR CE2 HE2  sing N N 317 
TYR CZ  OH   sing N N 318 
TYR OH  HH   sing N N 319 
TYR OXT HXT  sing N N 320 
# 
_pdbx_audit_support.funding_organization   'Australian Research Council (ARC)' 
_pdbx_audit_support.country                Australia 
_pdbx_audit_support.grant_number           DP190103591 
_pdbx_audit_support.ordinal                1 
# 
_pdbx_initial_refinement_model.id               1 
_pdbx_initial_refinement_model.entity_id_list   ? 
_pdbx_initial_refinement_model.type             'experimental model' 
_pdbx_initial_refinement_model.source_name      PDB 
_pdbx_initial_refinement_model.accession_code   6CS9 
_pdbx_initial_refinement_model.details          ? 
# 
_space_group.name_H-M_alt     'C 2 2 21' 
_space_group.name_Hall        'C 2c 2' 
_space_group.IT_number        20 
_space_group.crystal_system   orthorhombic 
_space_group.id               1 
# 
_atom_sites.entry_id                    7T9Q 
_atom_sites.Cartn_transf_matrix[1][1]   ? 
_atom_sites.Cartn_transf_matrix[1][2]   ? 
_atom_sites.Cartn_transf_matrix[1][3]   ? 
_atom_sites.Cartn_transf_matrix[2][1]   ? 
_atom_sites.Cartn_transf_matrix[2][2]   ? 
_atom_sites.Cartn_transf_matrix[2][3]   ? 
_atom_sites.Cartn_transf_matrix[3][1]   ? 
_atom_sites.Cartn_transf_matrix[3][2]   ? 
_atom_sites.Cartn_transf_matrix[3][3]   ? 
_atom_sites.Cartn_transf_vector[1]      ? 
_atom_sites.Cartn_transf_vector[2]      ? 
_atom_sites.Cartn_transf_vector[3]      ? 
_atom_sites.fract_transf_matrix[1][1]   -0.01246386 
_atom_sites.fract_transf_matrix[1][2]   -0.01714967 
_atom_sites.fract_transf_matrix[1][3]   0.00300957 
_atom_sites.fract_transf_matrix[2][1]   -0.01386912 
_atom_sites.fract_transf_matrix[2][2]   0.01061084 
_atom_sites.fract_transf_matrix[2][3]   0.00302692 
_atom_sites.fract_transf_matrix[3][1]   -0.00667439 
_atom_sites.fract_transf_matrix[3][2]   -0.00031945 
_atom_sites.fract_transf_matrix[3][3]   -0.02946175 
_atom_sites.fract_transf_vector[1]      -0.166859 
_atom_sites.fract_transf_vector[2]      -0.181304 
_atom_sites.fract_transf_vector[3]      0.180524 
_atom_sites.solution_primary            ? 
_atom_sites.solution_secondary          ? 
_atom_sites.solution_hydrogens          ? 
_atom_sites.special_details             ? 
# 
loop_
_atom_type.symbol 
_atom_type.scat_dispersion_real 
_atom_type.scat_dispersion_imag 
_atom_type.scat_Cromer_Mann_a1 
_atom_type.scat_Cromer_Mann_a2 
_atom_type.scat_Cromer_Mann_a3 
_atom_type.scat_Cromer_Mann_a4 
_atom_type.scat_Cromer_Mann_b1 
_atom_type.scat_Cromer_Mann_b2 
_atom_type.scat_Cromer_Mann_b3 
_atom_type.scat_Cromer_Mann_b4 
_atom_type.scat_Cromer_Mann_c 
_atom_type.scat_source 
_atom_type.scat_dispersion_source 
C ? ? 3.54356 2.42580 ? ? 25.62398 1.50364  ? ? 0.0 
;2-Gaussian fit: Grosse-Kunstleve RW, Sauter NK, Adams PD: Newsletter of the IUCr Commission on Crystallographic Computing 2004, 3, 22-31.
;
? 
H ? ? 0.51345 0.48472 ? ? 24.73122 6.32584  ? ? 0.0 
;2-Gaussian fit: Grosse-Kunstleve RW, Sauter NK, Adams PD: Newsletter of the IUCr Commission on Crystallographic Computing 2004, 3, 22-31.
;
? 
N ? ? 4.01032 2.96436 ? ? 19.97189 1.75589  ? ? 0.0 
;2-Gaussian fit: Grosse-Kunstleve RW, Sauter NK, Adams PD: Newsletter of the IUCr Commission on Crystallographic Computing 2004, 3, 22-31.
;
? 
O ? ? 4.49882 3.47563 ? ? 15.80542 1.70748  ? ? 0.0 
;2-Gaussian fit: Grosse-Kunstleve RW, Sauter NK, Adams PD: Newsletter of the IUCr Commission on Crystallographic Computing 2004, 3, 22-31.
;
? 
S ? ? 9.55732 6.39887 ? ? 1.23737  29.19336 ? ? 0.0 
;2-Gaussian fit: Grosse-Kunstleve RW, Sauter NK, Adams PD: Newsletter of the IUCr Commission on Crystallographic Computing 2004, 3, 22-31.
;
? 
# 
loop_
_atom_site.group_PDB 
_atom_site.id 
_atom_site.type_symbol 
_atom_site.label_atom_id 
_atom_site.label_alt_id 
_atom_site.label_comp_id 
_atom_site.label_asym_id 
_atom_site.label_entity_id 
_atom_site.label_seq_id 
_atom_site.pdbx_PDB_ins_code 
_atom_site.Cartn_x 
_atom_site.Cartn_y 
_atom_site.Cartn_z 
_atom_site.occupancy 
_atom_site.B_iso_or_equiv 
_atom_site.pdbx_formal_charge 
_atom_site.auth_seq_id 
_atom_site.auth_comp_id 
_atom_site.auth_asym_id 
_atom_site.auth_atom_id 
_atom_site.pdbx_PDB_model_num 
ATOM   1   N N    . SER A 1 1  ? -8.67082  -7.99841  8.20563   1.000 42.90000 ? 1   SER A N    1 
ATOM   2   C CA   . SER A 1 1  ? -9.07516  -6.55340  8.11527   1.000 30.90000 ? 1   SER A CA   1 
ATOM   3   C C    . SER A 1 1  ? -8.68667  -5.98797  6.77346   1.000 30.95000 ? 1   SER A C    1 
ATOM   4   O O    . SER A 1 1  ? -7.74581  -6.45077  6.14456   1.000 34.29000 ? 1   SER A O    1 
ATOM   5   C CB   . SER A 1 1  ? -8.39828  -5.71750  9.22053   1.000 49.55000 ? 1   SER A CB   1 
ATOM   6   O OG   . SER A 1 1  ? -8.84082  -4.36627  9.17511   1.000 38.97000 ? 1   SER A OG   1 
ATOM   7   H H1   . SER A 1 1  ? -9.39848  -8.51083  8.20220   1.000 42.90000 ? 1   SER A H1   1 
ATOM   8   H H2   . SER A 1 1  ? -8.15776  -8.20700  7.50895   1.000 42.90000 ? 1   SER A H2   1 
ATOM   9   H H3   . SER A 1 1  ? -8.21682  -8.13285  8.95923   1.000 42.90000 ? 1   SER A H3   1 
ATOM   10  H HA   . SER A 1 1  ? -10.03615 -6.49125  8.23161   1.000 30.90000 ? 1   SER A HA   1 
ATOM   11  H HB2  . SER A 1 1  ? -8.62416  -6.09496  10.08506  1.000 49.55000 ? 1   SER A HB2  1 
ATOM   12  H HB3  . SER A 1 1  ? -7.43741  -5.73975  9.08964   1.000 49.55000 ? 1   SER A HB3  1 
ATOM   13  H HG   . SER A 1 1  ? -8.40592  -3.90290  9.72443   1.000 38.97000 ? 1   SER A HG   1 
ATOM   14  N N    . TYR A 1 2  ? -9.38447  -4.93525  6.39207   1.000 30.60000 ? 2   TYR A N    1 
ATOM   15  C CA   . TYR A 1 2  ? -9.11462  -4.19506  5.17924   1.000 31.87000 ? 2   TYR A CA   1 
ATOM   16  C C    . TYR A 1 2  ? -8.74964  -2.76153  5.47606   1.000 31.49000 ? 2   TYR A C    1 
ATOM   17  O O    . TYR A 1 2  ? -8.53891  -1.99006  4.53470   1.000 33.24000 ? 2   TYR A O    1 
ATOM   18  C CB   . TYR A 1 2  ? -10.34216 -4.22668  4.25385   1.000 30.87000 ? 2   TYR A CB   1 
ATOM   19  C CG   . TYR A 1 2  ? -10.67142 -5.57102  3.60249   1.000 39.90000 ? 2   TYR A CG   1 
ATOM   20  C CD1  . TYR A 1 2  ? -10.23402 -5.87211  2.30994   1.000 30.35000 ? 2   TYR A CD1  1 
ATOM   21  C CD2  . TYR A 1 2  ? -11.45967 -6.51996  4.25549   1.000 35.37000 ? 2   TYR A CD2  1 
ATOM   22  C CE1  . TYR A 1 2  ? -10.52223 -7.11832  1.72490   1.000 24.45000 ? 2   TYR A CE1  1 
ATOM   23  C CE2  . TYR A 1 2  ? -11.75225 -7.74296  3.67242   1.000 36.01000 ? 2   TYR A CE2  1 
ATOM   24  C CZ   . TYR A 1 2  ? -11.29272 -8.00955  2.37486   1.000 29.66000 ? 2   TYR A CZ   1 
ATOM   25  O OH   . TYR A 1 2  ? -11.56972 -9.19124  1.73550   1.000 35.51000 ? 2   TYR A OH   1 
ATOM   26  H H    . TYR A 1 2  ? -10.04723 -4.61752  6.83859   1.000 36.79000 ? 2   TYR A H    1 
ATOM   27  H HA   . TYR A 1 2  ? -8.38149  -4.61209  4.70017   1.000 38.31000 ? 2   TYR A HA   1 
ATOM   28  H HB2  . TYR A 1 2  ? -11.11812 -3.96510  4.77382   1.000 37.11000 ? 2   TYR A HB2  1 
ATOM   29  H HB3  . TYR A 1 2  ? -10.19447 -3.59147  3.53581   1.000 37.11000 ? 2   TYR A HB3  1 
ATOM   30  H HD1  . TYR A 1 2  ? -9.74672  -5.24122  1.83099   1.000 36.48000 ? 2   TYR A HD1  1 
ATOM   31  H HD2  . TYR A 1 2  ? -11.79614 -6.32733  5.10082   1.000 42.50000 ? 2   TYR A HD2  1 
ATOM   32  H HE1  . TYR A 1 2  ? -10.17911 -7.32698  0.88608   1.000 29.40000 ? 2   TYR A HE1  1 
ATOM   33  H HE2  . TYR A 1 2  ? -12.24739 -8.37902  4.13626   1.000 43.27000 ? 2   TYR A HE2  1 
ATOM   34  H HH   . TYR A 1 2  ? -12.20701 -9.58243  2.11817   1.000 42.67000 ? 2   TYR A HH   1 
ATOM   35  N N    . TYR A 1 3  ? -8.66010  -2.37964  6.76622   1.000 28.31000 ? 3   TYR A N    1 
ATOM   36  C CA   . TYR A 1 3  ? -8.45046  -0.98180  7.12444   1.000 33.72000 ? 3   TYR A CA   1 
ATOM   37  C C    . TYR A 1 3  ? -7.21809  -0.39494  6.45306   1.000 21.28000 ? 3   TYR A C    1 
ATOM   38  O O    . TYR A 1 3  ? -7.23117  0.74093   5.98422   1.000 26.57000 ? 3   TYR A O    1 
ATOM   39  C CB   . TYR A 1 3  ? -8.30603  -0.84330  8.63571   1.000 31.80000 ? 3   TYR A CB   1 
ATOM   40  C CG   . TYR A 1 3  ? -7.81771  0.52804   9.06694   1.000 39.15000 ? 3   TYR A CG   1 
ATOM   41  C CD1  . TYR A 1 3  ? -8.71644  1.53777   9.37993   1.000 43.33000 ? 3   TYR A CD1  1 
ATOM   42  C CD2  . TYR A 1 3  ? -6.45210  0.80734   9.18605   1.000 49.64000 ? 3   TYR A CD2  1 
ATOM   43  C CE1  . TYR A 1 3  ? -8.28252  2.79385   9.77643   1.000 50.75000 ? 3   TYR A CE1  1 
ATOM   44  C CE2  . TYR A 1 3  ? -6.00440  2.05963   9.58099   1.000 52.60000 ? 3   TYR A CE2  1 
ATOM   45  C CZ   . TYR A 1 3  ? -6.92316  3.05290   9.87433   1.000 56.98000 ? 3   TYR A CZ   1 
ATOM   46  O OH   . TYR A 1 3  ? -6.48905  4.30714   10.25132  1.000 54.58000 ? 3   TYR A OH   1 
ATOM   47  H H    . TYR A 1 3  ? -8.71802  -2.91187  7.43925   1.000 34.03000 ? 3   TYR A H    1 
ATOM   48  H HA   . TYR A 1 3  ? -9.22905  -0.48637  6.82570   1.000 40.53000 ? 3   TYR A HA   1 
ATOM   49  H HB2  . TYR A 1 3  ? -9.17021  -0.99591  9.04898   1.000 38.23000 ? 3   TYR A HB2  1 
ATOM   50  H HB3  . TYR A 1 3  ? -7.66651  -1.50070  8.95153   1.000 38.23000 ? 3   TYR A HB3  1 
ATOM   51  H HD1  . TYR A 1 3  ? -9.62913  1.36862   9.32263   1.000 52.05000 ? 3   TYR A HD1  1 
ATOM   52  H HD2  . TYR A 1 3  ? -5.83220  0.14040   8.99676   1.000 59.63000 ? 3   TYR A HD2  1 
ATOM   53  H HE1  . TYR A 1 3  ? -8.90029  3.45979   9.97587   1.000 60.96000 ? 3   TYR A HE1  1 
ATOM   54  H HE2  . TYR A 1 3  ? -5.09278  2.23085   9.64826   1.000 63.18000 ? 3   TYR A HE2  1 
ATOM   55  H HH   . TYR A 1 3  ? -5.86545  4.55868   9.74787   1.000 65.56000 ? 3   TYR A HH   1 
ATOM   56  N N    . SER A 1 4  ? -6.11188  -1.11975  6.47006   1.000 24.72000 ? 4   SER A N    1 
ATOM   57  C CA   . SER A 1 4  ? -4.89710  -0.53327  5.91114   1.000 27.90000 ? 4   SER A CA   1 
ATOM   58  C C    . SER A 1 4  ? -4.96818  -0.50030  4.39403   1.000 26.95000 ? 4   SER A C    1 
ATOM   59  O O    . SER A 1 4  ? -4.56812  0.47369   3.76572   1.000 30.25000 ? 4   SER A O    1 
ATOM   60  C CB   . SER A 1 4  ? -3.68550  -1.31066  6.38565   1.000 28.60000 ? 4   SER A CB   1 
ATOM   61  O OG   . SER A 1 4  ? -3.68008  -1.19540  7.77527   1.000 31.54000 ? 4   SER A OG   1 
ATOM   62  H H    . SER A 1 4  ? -6.03632  -1.91698  6.78363   1.000 29.73000 ? 4   SER A H    1 
ATOM   63  H HA   . SER A 1 4  ? -4.80143  0.37901   6.22656   1.000 33.54000 ? 4   SER A HA   1 
ATOM   64  H HB2  . SER A 1 4  ? -3.76204  -2.24228  6.12656   1.000 34.38000 ? 4   SER A HB2  1 
ATOM   65  H HB3  . SER A 1 4  ? -2.87505  -0.92850  6.01413   1.000 34.38000 ? 4   SER A HB3  1 
ATOM   66  H HG   . SER A 1 4  ? -2.95998  -1.49653  8.08573   1.000 37.91000 ? 4   SER A HG   1 
ATOM   67  N N    . THR A 1 5  ? -5.50372  -1.54455  3.79535   1.000 26.93000 ? 5   THR A N    1 
ATOM   68  C CA   . THR A 1 5  ? -5.70812  -1.50191  2.35549   1.000 26.88000 ? 5   THR A CA   1 
ATOM   69  C C    . THR A 1 5  ? -6.58456  -0.31411  1.94548   1.000 30.36000 ? 5   THR A C    1 
ATOM   70  O O    . THR A 1 5  ? -6.30352  0.37392   0.94451   1.000 27.11000 ? 5   THR A O    1 
ATOM   71  C CB   . THR A 1 5  ? -6.32847  -2.80686  1.92391   1.000 23.64000 ? 5   THR A CB   1 
ATOM   72  O OG1  . THR A 1 5  ? -5.38458  -3.86166  2.17548   1.000 26.84000 ? 5   THR A OG1  1 
ATOM   73  C CG2  . THR A 1 5  ? -6.69602  -2.68674  0.43276   1.000 25.71000 ? 5   THR A CG2  1 
ATOM   74  H H    . THR A 1 5  ? -5.75181  -2.27074  4.18356   1.000 32.38000 ? 5   THR A H    1 
ATOM   75  H HA   . THR A 1 5  ? -4.85609  -1.39264  1.90494   1.000 32.32000 ? 5   THR A HA   1 
ATOM   76  H HB   . THR A 1 5  ? -7.13946  -3.02255  2.41039   1.000 28.43000 ? 5   THR A HB   1 
ATOM   77  H HG1  . THR A 1 5  ? -5.52688  -4.20043  2.93085   1.000 32.27000 ? 5   THR A HG1  1 
ATOM   78  H HG21 . THR A 1 5  ? -6.73070  -3.56740  0.02763   1.000 30.92000 ? 5   THR A HG21 1 
ATOM   79  H HG22 . THR A 1 5  ? -7.56303  -2.26224  0.33792   1.000 30.92000 ? 5   THR A HG22 1 
ATOM   80  H HG23 . THR A 1 5  ? -6.03180  -2.15295  -0.03070  1.000 30.92000 ? 5   THR A HG23 1 
ATOM   81  N N    . LEU A 1 6  ? -7.65734  -0.06778  2.70122   1.000 27.21000 ? 6   LEU A N    1 
ATOM   82  C CA   . LEU A 1 6  ? -8.57428  1.02274   2.37329   1.000 35.89000 ? 6   LEU A CA   1 
ATOM   83  C C    . LEU A 1 6  ? -7.90100  2.37616   2.54098   1.000 33.26000 ? 6   LEU A C    1 
ATOM   84  O O    . LEU A 1 6  ? -8.12786  3.30220   1.74812   1.000 35.70000 ? 6   LEU A O    1 
ATOM   85  C CB   . LEU A 1 6  ? -9.80480  0.96737   3.26586   1.000 39.23000 ? 6   LEU A CB   1 
ATOM   86  C CG   . LEU A 1 6  ? -10.74581 -0.19833  3.02770   1.000 43.63000 ? 6   LEU A CG   1 
ATOM   87  C CD1  . LEU A 1 6  ? -11.84121 -0.17529  4.06534   1.000 36.71000 ? 6   LEU A CD1  1 
ATOM   88  C CD2  . LEU A 1 6  ? -11.28790 -0.10088  1.61543   1.000 54.95000 ? 6   LEU A CD2  1 
ATOM   89  H H    . LEU A 1 6  ? -7.87492  -0.51391  3.40353   1.000 32.72000 ? 6   LEU A H    1 
ATOM   90  H HA   . LEU A 1 6  ? -8.85138  0.91525   1.44995   1.000 43.13000 ? 6   LEU A HA   1 
ATOM   91  H HB2  . LEU A 1 6  ? -9.50775  0.91323   4.18766   1.000 47.14000 ? 6   LEU A HB2  1 
ATOM   92  H HB3  . LEU A 1 6  ? -10.31479 1.78102   3.12887   1.000 47.14000 ? 6   LEU A HB3  1 
ATOM   93  H HG   . LEU A 1 6  ? -10.29078 -1.05075  3.11279   1.000 52.42000 ? 6   LEU A HG   1 
ATOM   94  H HD11 . LEU A 1 6  ? -12.41993 -0.94201  3.93069   1.000 44.12000 ? 6   LEU A HD11 1 
ATOM   95  H HD12 . LEU A 1 6  ? -11.44091 -0.21397  4.94804   1.000 44.12000 ? 6   LEU A HD12 1 
ATOM   96  H HD13 . LEU A 1 6  ? -12.35052 0.64457   3.96874   1.000 44.12000 ? 6   LEU A HD13 1 
ATOM   97  H HD21 . LEU A 1 6  ? -12.07414 -0.66386  1.53942   1.000 66.00000 ? 6   LEU A HD21 1 
ATOM   98  H HD22 . LEU A 1 6  ? -11.52265 0.82189   1.43025   1.000 66.00000 ? 6   LEU A HD22 1 
ATOM   99  H HD23 . LEU A 1 6  ? -10.60572 -0.39976  0.99398   1.000 66.00000 ? 6   LEU A HD23 1 
ATOM   100 N N    . GLN A 1 7  ? -7.04418  2.48950   3.53863   1.000 31.93000 ? 7   GLN A N    1 
ATOM   101 C CA   . GLN A 1 7  ? -6.32685  3.73473   3.72934   1.000 39.51000 ? 7   GLN A CA   1 
ATOM   102 C C    . GLN A 1 7  ? -5.32678  3.96875   2.61342   1.000 34.32000 ? 7   GLN A C    1 
ATOM   103 O O    . GLN A 1 7  ? -5.08855  5.12606   2.24777   1.000 32.60000 ? 7   GLN A O    1 
ATOM   104 C CB   . GLN A 1 7  ? -5.62873  3.75137   5.09401   1.000 37.26000 ? 7   GLN A CB   1 
ATOM   105 C CG   . GLN A 1 7  ? -4.87773  5.03546   5.35502   1.000 49.18000 ? 7   GLN A CG   1 
ATOM   106 C CD   . GLN A 1 7  ? -5.81223  6.23821   5.49298   1.000 66.01000 ? 7   GLN A CD   1 
ATOM   107 O OE1  . GLN A 1 7  ? -6.73333  6.23828   6.31920   1.000 61.44000 ? 7   GLN A OE1  1 
ATOM   108 N NE2  . GLN A 1 7  ? -5.58931  7.26244   4.66047   1.000 71.84000 ? 7   GLN A NE2  1 
ATOM   109 H H    . GLN A 1 7  ? -6.86235  1.87254   4.10952   1.000 38.37000 ? 7   GLN A H    1 
ATOM   110 H HA   . GLN A 1 7  ? -6.96384  4.46623   3.72355   1.000 47.48000 ? 7   GLN A HA   1 
ATOM   111 H HB2  . GLN A 1 7  ? -6.29590  3.64756   5.79042   1.000 44.77000 ? 7   GLN A HB2  1 
ATOM   112 H HB3  . GLN A 1 7  ? -4.99320  3.01956   5.13167   1.000 44.77000 ? 7   GLN A HB3  1 
ATOM   113 H HG2  . GLN A 1 7  ? -4.37542  4.94756   6.18017   1.000 59.07000 ? 7   GLN A HG2  1 
ATOM   114 H HG3  . GLN A 1 7  ? -4.27367  5.20609   4.61549   1.000 59.07000 ? 7   GLN A HG3  1 
ATOM   115 H HE21 . GLN A 1 7  ? -4.94840  7.22011   4.08861   1.000 86.27000 ? 7   GLN A HE21 1 
ATOM   116 H HE22 . GLN A 1 7  ? -6.08703  7.96281   4.69747   1.000 86.27000 ? 7   GLN A HE22 1 
ATOM   117 N N    . CYS A 1 8  ? -4.70245  2.90588   2.08612   1.000 30.23000 ? 8   CYS A N    1 
ATOM   118 C CA   . CYS A 1 8  ? -3.89083  3.07176   0.87325   1.000 27.71000 ? 8   CYS A CA   1 
ATOM   119 C C    . CYS A 1 8  ? -4.74402  3.65855   -0.22804  1.000 26.39000 ? 8   CYS A C    1 
ATOM   120 O O    . CYS A 1 8  ? -4.38476  4.66704   -0.84705  1.000 31.55000 ? 8   CYS A O    1 
ATOM   121 C CB   . CYS A 1 8  ? -3.29018  1.74467   0.40679   1.000 27.90000 ? 8   CYS A CB   1 
ATOM   122 S SG   . CYS A 1 8  ? -1.93796  1.87521   -0.82578  1.000 29.52000 ? 8   CYS A SG   1 
ATOM   123 H H    . CYS A 1 8  ? -4.73170  2.10589   2.40041   1.000 36.34000 ? 8   CYS A H    1 
ATOM   124 H HA   . CYS A 1 8  ? -3.14966  3.66238   1.07999   1.000 33.31000 ? 8   CYS A HA   1 
ATOM   125 H HB2  . CYS A 1 8  ? -2.93074  1.28431   1.18124   1.000 33.54000 ? 8   CYS A HB2  1 
ATOM   126 H HB3  . CYS A 1 8  ? -3.99664  1.21546   0.00458   1.000 33.54000 ? 8   CYS A HB3  1 
ATOM   127 N N    . ARG A 1 9  ? -5.91707  3.07474   -0.44432  1.000 28.20000 ? 9   ARG A N    1 
ATOM   128 C CA   . ARG A 1 9  ? -6.82411  3.60675   -1.44554  1.000 34.35000 ? 9   ARG A CA   1 
ATOM   129 C C    . ARG A 1 9  ? -7.10159  5.07873   -1.20984  1.000 38.48000 ? 9   ARG A C    1 
ATOM   130 O O    . ARG A 1 9  ? -7.00474  5.88908   -2.13842  1.000 35.35000 ? 9   ARG A O    1 
ATOM   131 C CB   . ARG A 1 9  ? -8.13070  2.82750   -1.43313  1.000 38.43000 ? 9   ARG A CB   1 
ATOM   132 C CG   . ARG A 1 9  ? -9.18350  3.34562   -2.44333  1.000 35.89000 ? 9   ARG A CG   1 
ATOM   133 C CD   . ARG A 1 9  ? -10.48967 2.58167   -2.22932  1.000 45.39000 ? 9   ARG A CD   1 
ATOM   134 N NE   . ARG A 1 9  ? -11.48144 2.83280   -3.26574  1.000 49.56000 ? 9   ARG A NE   1 
ATOM   135 C CZ   . ARG A 1 9  ? -12.70954 3.29979   -3.05254  1.000 53.93000 ? 9   ARG A CZ   1 
ATOM   136 N NH1  . ARG A 1 9  ? -13.13477 3.57193   -1.82777  1.000 60.31000 ? 9   ARG A NH1  1 
ATOM   137 N NH2  . ARG A 1 9  ? -13.52491 3.48058   -4.08009  1.000 51.62000 ? 9   ARG A NH2  1 
ATOM   138 H H    . ARG A 1 9  ? -6.20593  2.37899   -0.02948  1.000 33.90000 ? 9   ARG A H    1 
ATOM   139 H HA   . ARG A 1 9  ? -6.41070  3.50542   -2.31716  1.000 41.28000 ? 9   ARG A HA   1 
ATOM   140 H HB2  . ARG A 1 9  ? -7.94233  1.90153   -1.65225  1.000 46.18000 ? 9   ARG A HB2  1 
ATOM   141 H HB3  . ARG A 1 9  ? -8.51905  2.88614   -0.54620  1.000 46.18000 ? 9   ARG A HB3  1 
ATOM   142 H HG2  . ARG A 1 9  ? -9.34338  4.29150   -2.29962  1.000 43.13000 ? 9   ARG A HG2  1 
ATOM   143 H HG3  . ARG A 1 9  ? -8.87449  3.19545   -3.35045  1.000 43.13000 ? 9   ARG A HG3  1 
ATOM   144 H HD2  . ARG A 1 9  ? -10.29983 1.63044   -2.22377  1.000 54.53000 ? 9   ARG A HD2  1 
ATOM   145 H HD3  . ARG A 1 9  ? -10.87379 2.84827   -1.37945  1.000 54.53000 ? 9   ARG A HD3  1 
ATOM   146 H HE   . ARG A 1 9  ? -11.25609 2.66641   -4.07885  1.000 59.53000 ? 9   ARG A HE   1 
ATOM   147 H HH11 . ARG A 1 9  ? -12.61455 3.44739   -1.15438  1.000 72.44000 ? 9   ARG A HH11 1 
ATOM   148 H HH12 . ARG A 1 9  ? -13.93105 3.87315   -1.70607  1.000 72.44000 ? 9   ARG A HH12 1 
ATOM   149 H HH21 . ARG A 1 9  ? -13.25953 3.29663   -4.87717  1.000 62.00000 ? 9   ARG A HH21 1 
ATOM   150 H HH22 . ARG A 1 9  ? -14.31987 3.78196   -3.95037  1.000 62.00000 ? 9   ARG A HH22 1 
ATOM   151 N N    . ASN A 1 10 ? -7.48528  5.42999   0.02737   1.000 33.96000 ? 10  ASN A N    1 
ATOM   152 C CA   . ASN A 1 10 ? -7.84121  6.80748   0.34592   1.000 40.59000 ? 10  ASN A CA   1 
ATOM   153 C C    . ASN A 1 10 ? -6.66819  7.73859   0.12775   1.000 35.12000 ? 10  ASN A C    1 
ATOM   154 O O    . ASN A 1 10 ? -6.86575  8.94304   -0.02680  1.000 33.97000 ? 10  ASN A O    1 
ATOM   155 C CB   . ASN A 1 10 ? -8.29819  6.93514   1.80552   1.000 46.30000 ? 10  ASN A CB   1 
ATOM   156 C CG   . ASN A 1 10 ? -9.65706  6.33598   2.06086   1.000 50.49000 ? 10  ASN A CG   1 
ATOM   157 O OD1  . ASN A 1 10 ? -10.48203 6.15346   1.13909   1.000 38.21000 ? 10  ASN A OD1  1 
ATOM   158 N ND2  . ASN A 1 10 ? -9.91541  6.03940   3.34329   1.000 46.18000 ? 10  ASN A ND2  1 
ATOM   159 H H    . ASN A 1 10 ? -7.54565  4.88835   0.69264   1.000 40.81000 ? 10  ASN A H    1 
ATOM   160 H HA   . ASN A 1 10 ? -8.57792  7.06367   -0.23074  1.000 48.77000 ? 10  ASN A HA   1 
ATOM   161 H HB2  . ASN A 1 10 ? -7.65988  6.47810   2.37525   1.000 55.62000 ? 10  ASN A HB2  1 
ATOM   162 H HB3  . ASN A 1 10 ? -8.33885  7.87536   2.04049   1.000 55.62000 ? 10  ASN A HB3  1 
ATOM   163 H HD21 . ASN A 1 10 ? -10.67257 5.69442   3.56073   1.000 55.48000 ? 10  ASN A HD21 1 
ATOM   164 H HD22 . ASN A 1 10 ? -9.32387  6.19423   3.94803   1.000 55.48000 ? 10  ASN A HD22 1 
ATOM   165 N N    . ASN A 1 11 ? -5.44636  7.21967   0.21835   1.000 37.42000 ? 11  ASN A N    1 
ATOM   166 C CA   . ASN A 1 11 ? -4.23851  8.00380   0.00146   1.000 39.49000 ? 11  ASN A CA   1 
ATOM   167 C C    . ASN A 1 11 ? -3.80732  8.02535   -1.45418  1.000 36.18000 ? 11  ASN A C    1 
ATOM   168 O O    . ASN A 1 11 ? -2.75105  8.57795   -1.75142  1.000 36.05000 ? 11  ASN A O    1 
ATOM   169 C CB   . ASN A 1 11 ? -3.09085  7.44189   0.83690   1.000 40.68000 ? 11  ASN A CB   1 
ATOM   170 C CG   . ASN A 1 11 ? -2.75504  8.31135   2.04978   1.000 55.90000 ? 11  ASN A CG   1 
ATOM   171 O OD1  . ASN A 1 11 ? -3.31587  8.15281   3.14655   1.000 50.28000 ? 11  ASN A OD1  1 
ATOM   172 N ND2  . ASN A 1 11 ? -1.80636  9.21560   1.85943   1.000 58.99000 ? 11  ASN A ND2  1 
ATOM   173 H H    . ASN A 1 11 ? -5.28937  6.39586   0.40885   1.000 44.96000 ? 11  ASN A H    1 
ATOM   174 H HA   . ASN A 1 11 ? -4.41191  8.91439   0.28720   1.000 47.45000 ? 11  ASN A HA   1 
ATOM   175 H HB2  . ASN A 1 11 ? -3.33737  6.56091   1.15938   1.000 48.87000 ? 11  ASN A HB2  1 
ATOM   176 H HB3  . ASN A 1 11 ? -2.29705  7.38217   0.28263   1.000 48.87000 ? 11  ASN A HB3  1 
ATOM   177 H HD21 . ASN A 1 11 ? -1.57222  9.73528   2.50341   1.000 70.85000 ? 11  ASN A HD21 1 
ATOM   178 H HD22 . ASN A 1 11 ? -1.42445  9.28311   1.09184   1.000 70.85000 ? 11  ASN A HD22 1 
ATOM   179 N N    . HIS A 1 12 ? -4.56425  7.38658   -2.34971  1.000 31.30000 ? 12  HIS A N    1 
ATOM   180 C CA   . HIS A 1 12 ? -4.21099  7.28564   -3.76793  1.000 35.46000 ? 12  HIS A CA   1 
ATOM   181 C C    . HIS A 1 12 ? -2.90328  6.53195   -3.97619  1.000 38.78000 ? 12  HIS A C    1 
ATOM   182 O O    . HIS A 1 12 ? -2.13541  6.82530   -4.88468  1.000 37.86000 ? 12  HIS A O    1 
ATOM   183 C CB   . HIS A 1 12 ? -4.16472  8.66046   -4.42977  1.000 40.39000 ? 12  HIS A CB   1 
ATOM   184 C CG   . HIS A 1 12 ? -5.47312  9.37849   -4.37258  1.000 48.08000 ? 12  HIS A CG   1 
ATOM   185 N ND1  . HIS A 1 12 ? -6.49465  9.13257   -5.26546  1.000 51.91000 ? 12  HIS A ND1  1 
ATOM   186 C CD2  . HIS A 1 12 ? -5.94383  10.30459  -3.50641  1.000 53.45000 ? 12  HIS A CD2  1 
ATOM   187 C CE1  . HIS A 1 12 ? -7.53137  9.89225   -4.96358  1.000 54.58000 ? 12  HIS A CE1  1 
ATOM   188 N NE2  . HIS A 1 12 ? -7.22491  10.60932  -3.89730  1.000 63.63000 ? 12  HIS A NE2  1 
ATOM   189 H H    . HIS A 1 12 ? -5.30460  6.99430   -2.15585  1.000 37.62000 ? 12  HIS A H    1 
ATOM   190 H HA   . HIS A 1 12 ? -4.90400  6.76922   -4.20833  1.000 42.61000 ? 12  HIS A HA   1 
ATOM   191 H HB2  . HIS A 1 12 ? -3.50344  9.20631   -3.97628  1.000 48.53000 ? 12  HIS A HB2  1 
ATOM   192 H HB3  . HIS A 1 12 ? -3.92264  8.55289   -5.36291  1.000 48.53000 ? 12  HIS A HB3  1 
ATOM   193 H HD2  . HIS A 1 12 ? -5.48619  10.66689  -2.78240  1.000 64.21000 ? 12  HIS A HD2  1 
ATOM   194 H HE1  . HIS A 1 12 ? -8.33947  9.91813   -5.42315  1.000 65.56000 ? 12  HIS A HE1  1 
ATOM   195 H HE2  . HIS A 1 12 ? -7.74375  11.17557  -3.51031  1.000 76.42000 ? 12  HIS A HE2  1 
ATOM   196 N N    . GLY A 1 13 ? -2.66012  5.51434   -3.15264  1.000 32.92000 ? 13  GLY A N    1 
ATOM   197 C CA   . GLY A 1 13 ? -1.57238  4.59747   -3.38848  1.000 30.45000 ? 13  GLY A CA   1 
ATOM   198 C C    . GLY A 1 13 ? -2.05440  3.31312   -4.03140  1.000 31.98000 ? 13  GLY A C    1 
ATOM   199 O O    . GLY A 1 13 ? -3.24279  3.10566   -4.28303  1.000 30.92000 ? 13  GLY A O    1 
ATOM   200 H H    . GLY A 1 13 ? -3.12048  5.34081   -2.44726  1.000 39.56000 ? 13  GLY A H    1 
ATOM   201 H HA2  . GLY A 1 13 ? -0.92112  5.01164   -3.97604  1.000 36.61000 ? 13  GLY A HA2  1 
ATOM   202 H HA3  . GLY A 1 13 ? -1.14397  4.37942   -2.54598  1.000 36.61000 ? 13  GLY A HA3  1 
ATOM   203 N N    . HIS A 1 14 ? -1.08964  2.43074   -4.26972  1.000 23.47000 ? 14  HIS A N    1 
ATOM   204 C CA   . HIS A 1 14 ? -1.34411  1.11159   -4.82438  1.000 33.36000 ? 14  HIS A CA   1 
ATOM   205 C C    . HIS A 1 14 ? -0.66867  0.08181   -3.93341  1.000 34.04000 ? 14  HIS A C    1 
ATOM   206 O O    . HIS A 1 14 ? 0.47666   0.28244   -3.54081  1.000 31.23000 ? 14  HIS A O    1 
ATOM   207 C CB   . HIS A 1 14 ? -0.81372  1.04104   -6.26971  1.000 29.97000 ? 14  HIS A CB   1 
ATOM   208 C CG   . HIS A 1 14 ? -1.40979  2.08681   -7.14699  1.000 35.61000 ? 14  HIS A CG   1 
ATOM   209 N ND1  . HIS A 1 14 ? -2.50854  1.84405   -7.94515  1.000 38.43000 ? 14  HIS A ND1  1 
ATOM   210 C CD2  . HIS A 1 14 ? -1.12410  3.40140   -7.28738  1.000 30.74000 ? 14  HIS A CD2  1 
ATOM   211 C CE1  . HIS A 1 14 ? -2.85933  2.95963   -8.54918  1.000 30.32000 ? 14  HIS A CE1  1 
ATOM   212 N NE2  . HIS A 1 14 ? -2.03647  3.91730   -8.17053  1.000 36.70000 ? 14  HIS A NE2  1 
ATOM   213 H H    . HIS A 1 14 ? -0.25728  2.57985   -4.11306  1.000 28.23000 ? 14  HIS A H    1 
ATOM   214 H HA   . HIS A 1 14 ? -2.29158  0.90482   -4.84529  1.000 40.10000 ? 14  HIS A HA   1 
ATOM   215 H HB2  . HIS A 1 14 ? 0.14798   1.16736   -6.26077  1.000 36.03000 ? 14  HIS A HB2  1 
ATOM   216 H HB3  . HIS A 1 14 ? -1.03087  0.17326   -6.64483  1.000 36.03000 ? 14  HIS A HB3  1 
ATOM   217 H HD2  . HIS A 1 14 ? -0.43872  3.86685   -6.86488  1.000 36.95000 ? 14  HIS A HD2  1 
ATOM   218 H HE1  . HIS A 1 14 ? -3.56842  3.05600   -9.14315  1.000 36.45000 ? 14  HIS A HE1  1 
ATOM   219 H HE2  . HIS A 1 14 ? -2.06719  4.73496   -8.43528  1.000 44.11000 ? 14  HIS A HE2  1 
ATOM   220 N N    . CYS A 1 15 ? -1.37506  -1.00925  -3.61476  1.000 26.10000 ? 15  CYS A N    1 
ATOM   221 C CA   . CYS A 1 15 ? -0.82226  -2.10403  -2.82195  1.000 31.87000 ? 15  CYS A CA   1 
ATOM   222 C C    . CYS A 1 15 ? 0.00959   -2.99953  -3.73124  1.000 32.17000 ? 15  CYS A C    1 
ATOM   223 O O    . CYS A 1 15 ? -0.52334  -3.55566  -4.70579  1.000 33.33000 ? 15  CYS A O    1 
ATOM   224 C CB   . CYS A 1 15 ? -1.94765  -2.89889  -2.16125  1.000 26.57000 ? 15  CYS A CB   1 
ATOM   225 S SG   . CYS A 1 15 ? -3.04592  -1.95982  -1.03130  1.000 27.18000 ? 15  CYS A SG   1 
ATOM   226 H H    . CYS A 1 15 ? -2.19158  -1.13775  -3.85221  1.000 31.39000 ? 15  CYS A H    1 
ATOM   227 H HA   . CYS A 1 15 ? -0.24797  -1.74320  -2.12848  1.000 38.31000 ? 15  CYS A HA   1 
ATOM   228 H HB2  . CYS A 1 15 ? -2.50741  -3.26950  -2.86140  1.000 31.95000 ? 15  CYS A HB2  1 
ATOM   229 H HB3  . CYS A 1 15 ? -1.54808  -3.61441  -1.64233  1.000 31.95000 ? 15  CYS A HB3  1 
ATOM   230 N N    . ARG A 1 16 ? 1.32694   -3.04556  -3.47996  1.000 27.55000 ? 16  ARG A N    1 
ATOM   231 C CA   . ARG A 1 16 ? 2.27362   -3.80531  -4.28125  1.000 31.41000 ? 16  ARG A CA   1 
ATOM   232 C C    . ARG A 1 16 ? 3.22218   -4.58685  -3.39349  1.000 33.96000 ? 16  ARG A C    1 
ATOM   233 O O    . ARG A 1 16 ? 3.57454   -4.15214  -2.29113  1.000 31.07000 ? 16  ARG A O    1 
ATOM   234 C CB   . ARG A 1 16 ? 3.13574   -2.90282  -5.22031  1.000 29.10000 ? 16  ARG A CB   1 
ATOM   235 C CG   . ARG A 1 16 ? 2.38475   -1.74746  -5.92550  1.000 31.19000 ? 16  ARG A CG   1 
ATOM   236 C CD   . ARG A 1 16 ? 3.20113   -1.27420  -7.16571  1.000 25.52000 ? 16  ARG A CD   1 
ATOM   237 N NE   . ARG A 1 16 ? 2.72268   -0.03679  -7.74932  1.000 34.86000 ? 16  ARG A NE   1 
ATOM   238 C CZ   . ARG A 1 16 ? 1.66276   0.04103   -8.55203  1.000 33.60000 ? 16  ARG A CZ   1 
ATOM   239 N NH1  . ARG A 1 16 ? 0.91681   -1.02328  -8.80109  1.000 37.06000 ? 16  ARG A NH1  1 
ATOM   240 N NH2  . ARG A 1 16 ? 1.32022   1.19675   -9.05794  1.000 28.90000 ? 16  ARG A NH2  1 
ATOM   241 H H    . ARG A 1 16 ? 1.69983   -2.62804  -2.82710  1.000 33.13000 ? 16  ARG A H    1 
ATOM   242 H HA   . ARG A 1 16 ? 1.75768   -4.42312  -4.82256  1.000 37.75000 ? 16  ARG A HA   1 
ATOM   243 H HB2  . ARG A 1 16 ? 3.84392   -2.50372  -4.69108  1.000 34.99000 ? 16  ARG A HB2  1 
ATOM   244 H HB3  . ARG A 1 16 ? 3.51608   -3.46352  -5.91448  1.000 34.99000 ? 16  ARG A HB3  1 
ATOM   245 H HG2  . ARG A 1 16 ? 1.51399   -2.05461  -6.22270  1.000 37.49000 ? 16  ARG A HG2  1 
ATOM   246 H HG3  . ARG A 1 16 ? 2.28251   -1.00087  -5.31472  1.000 37.49000 ? 16  ARG A HG3  1 
ATOM   247 H HD2  . ARG A 1 16 ? 4.12304   -1.13613  -6.89756  1.000 30.68000 ? 16  ARG A HD2  1 
ATOM   248 H HD3  . ARG A 1 16 ? 3.15382   -1.96008  -7.84997  1.000 30.68000 ? 16  ARG A HD3  1 
ATOM   249 H HE   . ARG A 1 16 ? 3.14735   0.68845   -7.56691  1.000 41.89000 ? 16  ARG A HE   1 
ATOM   250 H HH11 . ARG A 1 16 ? 1.11365   -1.77979  -8.44256  1.000 44.54000 ? 16  ARG A HH11 1 
ATOM   251 H HH12 . ARG A 1 16 ? 0.23521   -0.95843  -9.32148  1.000 44.54000 ? 16  ARG A HH12 1 
ATOM   252 H HH21 . ARG A 1 16 ? 0.63681   1.25340   -9.57692  1.000 34.75000 ? 16  ARG A HH21 1 
ATOM   253 H HH22 . ARG A 1 16 ? 1.77828   1.90040   -8.87177  1.000 34.75000 ? 16  ARG A HH22 1 
ATOM   254 N N    . ARG A 1 17 ? 3.68611   -5.72180  -3.91871  1.000 30.65000 ? 17  ARG A N    1 
ATOM   255 C CA   . ARG A 1 17 ? 4.81139   -6.42068  -3.30818  1.000 38.72000 ? 17  ARG A CA   1 
ATOM   256 C C    . ARG A 1 17 ? 6.08081   -5.58039  -3.36174  1.000 40.49000 ? 17  ARG A C    1 
ATOM   257 O O    . ARG A 1 17 ? 6.87781   -5.59025  -2.41600  1.000 44.89000 ? 17  ARG A O    1 
ATOM   258 C CB   . ARG A 1 17 ? 5.02276   -7.76308  -3.99974  1.000 50.22000 ? 17  ARG A CB   1 
ATOM   259 C CG   . ARG A 1 17 ? 6.27469   -8.52866  -3.56419  1.000 58.80000 ? 17  ARG A CG   1 
ATOM   260 C CD   . ARG A 1 17 ? 6.39409   -8.58072  -2.06326  1.000 59.14000 ? 17  ARG A CD   1 
ATOM   261 N NE   . ARG A 1 17 ? 7.46966   -9.45549  -1.58362  1.000 68.24000 ? 17  ARG A NE   1 
ATOM   262 C CZ   . ARG A 1 17 ? 8.48970   -9.07640  -0.80717  1.000 61.78000 ? 17  ARG A CZ   1 
ATOM   263 N NH1  . ARG A 1 17 ? 8.62799   -7.81449  -0.39977  1.000 56.51000 ? 17  ARG A NH1  1 
ATOM   264 N NH2  . ARG A 1 17 ? 9.38352   -9.98190  -0.42514  1.000 64.94000 ? 17  ARG A NH2  1 
ATOM   265 H H    . ARG A 1 17 ? 3.36926   -6.10342  -4.62126  1.000 36.85000 ? 17  ARG A H    1 
ATOM   266 H HA   . ARG A 1 17 ? 4.60817   -6.59035  -2.37502  1.000 46.53000 ? 17  ARG A HA   1 
ATOM   267 H HB2  . ARG A 1 17 ? 4.25703   -8.32827  -3.81238  1.000 60.33000 ? 17  ARG A HB2  1 
ATOM   268 H HB3  . ARG A 1 17 ? 5.09489   -7.60794  -4.95454  1.000 60.33000 ? 17  ARG A HB3  1 
ATOM   269 H HG2  . ARG A 1 17 ? 6.22788   -9.43811  -3.89826  1.000 70.63000 ? 17  ARG A HG2  1 
ATOM   270 H HG3  . ARG A 1 17 ? 7.06180   -8.08549  -3.91768  1.000 70.63000 ? 17  ARG A HG3  1 
ATOM   271 H HD2  . ARG A 1 17 ? 6.57201   -7.68613  -1.73316  1.000 71.03000 ? 17  ARG A HD2  1 
ATOM   272 H HD3  . ARG A 1 17 ? 5.55940   -8.91030  -1.69506  1.000 71.03000 ? 17  ARG A HD3  1 
ATOM   273 H HE   . ARG A 1 17 ? 7.44162   -10.28135 -1.82192  1.000 81.95000 ? 17  ARG A HE   1 
ATOM   274 H HH11 . ARG A 1 17 ? 8.05252   -7.22077  -0.63626  1.000 67.88000 ? 17  ARG A HH11 1 
ATOM   275 H HH12 . ARG A 1 17 ? 9.29268   -7.59421  0.09951   1.000 67.88000 ? 17  ARG A HH12 1 
ATOM   276 H HH21 . ARG A 1 17 ? 9.30163   -10.80000 -0.67735  1.000 77.99000 ? 17  ARG A HH21 1 
ATOM   277 H HH22 . ARG A 1 17 ? 10.04405  -9.74999  0.07438   1.000 77.99000 ? 17  ARG A HH22 1 
ATOM   278 N N    . LEU A 1 18 ? 6.28740   -4.83759  -4.45194  1.000 32.96000 ? 18  LEU A N    1 
ATOM   279 C CA   . LEU A 1 18 ? 7.41561   -3.91755  -4.56103  1.000 32.74000 ? 18  LEU A CA   1 
ATOM   280 C C    . LEU A 1 18 ? 6.93887   -2.59657  -5.13834  1.000 33.62000 ? 18  LEU A C    1 
ATOM   281 O O    . LEU A 1 18 ? 6.13072   -2.56850  -6.06073  1.000 37.54000 ? 18  LEU A O    1 
ATOM   282 C CB   . LEU A 1 18 ? 8.52176   -4.49231  -5.45698  1.000 43.91000 ? 18  LEU A CB   1 
ATOM   283 C CG   . LEU A 1 18 ? 9.21431   -5.80150  -5.05685  1.000 54.18000 ? 18  LEU A CG   1 
ATOM   284 C CD1  . LEU A 1 18 ? 10.21820  -6.21542  -6.17436  1.000 42.37000 ? 18  LEU A CD1  1 
ATOM   285 C CD2  . LEU A 1 18 ? 9.92417   -5.70565  -3.69911  1.000 50.36000 ? 18  LEU A CD2  1 
ATOM   286 H H    . LEU A 1 18 ? 5.78132   -4.85094  -5.14715  1.000 39.62000 ? 18  LEU A H    1 
ATOM   287 H HA   . LEU A 1 18 ? 7.78177   -3.75477  -3.67766  1.000 39.35000 ? 18  LEU A HA   1 
ATOM   288 H HB2  . LEU A 1 18 ? 8.13303   -4.64678  -6.33215  1.000 52.75000 ? 18  LEU A HB2  1 
ATOM   289 H HB3  . LEU A 1 18 ? 9.22076   -3.82254  -5.51797  1.000 52.75000 ? 18  LEU A HB3  1 
ATOM   290 H HG   . LEU A 1 18 ? 8.53635   -6.48795  -4.95662  1.000 65.08000 ? 18  LEU A HG   1 
ATOM   291 H HD11 . LEU A 1 18 ? 10.68241  -7.02144  -5.89914  1.000 50.91000 ? 18  LEU A HD11 1 
ATOM   292 H HD12 . LEU A 1 18 ? 9.72735   -6.38013  -6.99464  1.000 50.91000 ? 18  LEU A HD12 1 
ATOM   293 H HD13 . LEU A 1 18 ? 10.85522  -5.49638  -6.30879  1.000 50.91000 ? 18  LEU A HD13 1 
ATOM   294 H HD21 . LEU A 1 18 ? 10.39842  -6.53504  -3.53146  1.000 60.49000 ? 18  LEU A HD21 1 
ATOM   295 H HD22 . LEU A 1 18 ? 10.55044  -4.96526  -3.72174  1.000 60.49000 ? 18  LEU A HD22 1 
ATOM   296 H HD23 . LEU A 1 18 ? 9.26174   -5.55752  -3.00618  1.000 60.49000 ? 18  LEU A HD23 1 
ATOM   297 N N    . CYS A 1 19 ? 7.45732   -1.50431  -4.62865  1.000 31.81000 ? 19  CYS A N    1 
ATOM   298 C CA   . CYS A 1 19 ? 7.05665   -0.20539  -5.13122  1.000 29.52000 ? 19  CYS A CA   1 
ATOM   299 C C    . CYS A 1 19 ? 7.78552   0.04524   -6.43524  1.000 35.95000 ? 19  CYS A C    1 
ATOM   300 O O    . CYS A 1 19 ? 8.91601   -0.39646  -6.62417  1.000 28.44000 ? 19  CYS A O    1 
ATOM   301 C CB   . CYS A 1 19 ? 7.37161   0.90468   -4.12910  1.000 33.74000 ? 19  CYS A CB   1 
ATOM   302 S SG   . CYS A 1 19 ? 6.31748   0.96304   -2.65074  1.000 30.20000 ? 19  CYS A SG   1 
ATOM   303 H H    . CYS A 1 19 ? 8.03908   -1.48407  -3.99560  1.000 38.24000 ? 19  CYS A H    1 
ATOM   304 H HA   . CYS A 1 19 ? 6.09785   -0.18348  -5.27657  1.000 35.49000 ? 19  CYS A HA   1 
ATOM   305 H HB2  . CYS A 1 19 ? 8.28551   0.78867   -3.82540  1.000 40.55000 ? 19  CYS A HB2  1 
ATOM   306 H HB3  . CYS A 1 19 ? 7.27821   1.75740   -4.58190  1.000 40.55000 ? 19  CYS A HB3  1 
ATOM   307 N N    . PHE A 1 20 ? 7.10591   0.70664   -7.35084  1.000 27.60000 ? 20  PHE A N    1 
ATOM   308 C CA   . PHE A 1 20 ? 7.70184   1.00618   -8.63166  1.000 32.27000 ? 20  PHE A CA   1 
ATOM   309 C C    . PHE A 1 20 ? 8.65640   2.18360   -8.49357  1.000 35.11000 ? 20  PHE A C    1 
ATOM   310 O O    . PHE A 1 20 ? 8.59267   2.97154   -7.53293  1.000 34.21000 ? 20  PHE A O    1 
ATOM   311 C CB   . PHE A 1 20 ? 6.62117   1.32996   -9.65398  1.000 31.08000 ? 20  PHE A CB   1 
ATOM   312 C CG   . PHE A 1 20 ? 5.75226   0.15802   -10.04302 1.000 29.26000 ? 20  PHE A CG   1 
ATOM   313 C CD1  . PHE A 1 20 ? 6.11612   -1.12220  -9.74701  1.000 29.48000 ? 20  PHE A CD1  1 
ATOM   314 C CD2  . PHE A 1 20 ? 4.59959   0.35888   -10.78276 1.000 33.53000 ? 20  PHE A CD2  1 
ATOM   315 C CE1  . PHE A 1 20 ? 5.34038   -2.17955  -10.13323 1.000 32.51000 ? 20  PHE A CE1  1 
ATOM   316 C CE2  . PHE A 1 20 ? 3.80704   -0.69766  -11.16581 1.000 29.06000 ? 20  PHE A CE2  1 
ATOM   317 C CZ   . PHE A 1 20 ? 4.18814   -1.97077  -10.84262 1.000 31.15000 ? 20  PHE A CZ   1 
ATOM   318 H H    . PHE A 1 20 ? 6.30032   0.99166   -7.25397  1.000 33.18000 ? 20  PHE A H    1 
ATOM   319 H HA   . PHE A 1 20 ? 8.20000   0.23854   -8.95333  1.000 38.78000 ? 20  PHE A HA   1 
ATOM   320 H HB2  . PHE A 1 20 ? 6.04125   2.01380   -9.28392  1.000 37.36000 ? 20  PHE A HB2  1 
ATOM   321 H HB3  . PHE A 1 20 ? 7.04805   1.65802   -10.46086 1.000 37.36000 ? 20  PHE A HB3  1 
ATOM   322 H HD1  . PHE A 1 20 ? 6.90269   -1.27825  -9.27598  1.000 35.44000 ? 20  PHE A HD1  1 
ATOM   323 H HD2  . PHE A 1 20 ? 4.35694   1.22339   -11.02490 1.000 40.30000 ? 20  PHE A HD2  1 
ATOM   324 H HE1  . PHE A 1 20 ? 5.59689   -3.04587  -9.91278  1.000 39.07000 ? 20  PHE A HE1  1 
ATOM   325 H HE2  . PHE A 1 20 ? 3.02071   -0.54812  -11.63935 1.000 34.94000 ? 20  PHE A HE2  1 
ATOM   326 H HZ   . PHE A 1 20 ? 3.66517   -2.69387  -11.10443 1.000 37.45000 ? 20  PHE A HZ   1 
ATOM   327 N N    . HIS A 1 21 ? 9.55620   2.29187   -9.47284  1.000 35.12000 ? 21  HIS A N    1 
ATOM   328 C CA   . HIS A 1 21 ? 10.38420  3.48317   -9.58506  1.000 29.23000 ? 21  HIS A CA   1 
ATOM   329 C C    . HIS A 1 21 ? 9.52143   4.72944   -9.49439  1.000 31.76000 ? 21  HIS A C    1 
ATOM   330 O O    . HIS A 1 21 ? 8.44095   4.79815   -10.08119 1.000 37.00000 ? 21  HIS A O    1 
ATOM   331 C CB   . HIS A 1 21 ? 11.14332  3.49829   -10.91486 1.000 35.63000 ? 21  HIS A CB   1 
ATOM   332 C CG   . HIS A 1 21 ? 11.76856  4.82426   -11.20150 1.000 35.30000 ? 21  HIS A CG   1 
ATOM   333 N ND1  . HIS A 1 21 ? 12.98039  5.20418   -10.66142 1.000 37.10000 ? 21  HIS A ND1  1 
ATOM   334 C CD2  . HIS A 1 21 ? 11.32756  5.87940   -11.93073 1.000 30.18000 ? 21  HIS A CD2  1 
ATOM   335 C CE1  . HIS A 1 21 ? 13.27236  6.42859   -11.06791 1.000 39.34000 ? 21  HIS A CE1  1 
ATOM   336 N NE2  . HIS A 1 21 ? 12.28514  6.86222   -11.83402 1.000 42.38000 ? 21  HIS A NE2  1 
ATOM   337 H H    . HIS A 1 21 ? 9.70185   1.69542   -10.07504 1.000 42.21000 ? 21  HIS A H    1 
ATOM   338 H HA   . HIS A 1 21 ? 11.03268  3.48092   -8.86369  1.000 35.14000 ? 21  HIS A HA   1 
ATOM   339 H HB2  . HIS A 1 21 ? 11.84845  2.83288   -10.88457 1.000 42.82000 ? 21  HIS A HB2  1 
ATOM   340 H HB3  . HIS A 1 21 ? 10.52560  3.29455   -11.63447 1.000 42.82000 ? 21  HIS A HB3  1 
ATOM   341 H HD2  . HIS A 1 21 ? 10.52958  5.92899   -12.40576 1.000 36.28000 ? 21  HIS A HD2  1 
ATOM   342 H HE1  . HIS A 1 21 ? 14.04172  6.90419   -10.85160 1.000 47.27000 ? 21  HIS A HE1  1 
ATOM   343 H HE2  . HIS A 1 21 ? 12.24793  7.63431   -12.21098 1.000 50.92000 ? 21  HIS A HE2  1 
ATOM   344 N N    . GLY A 1 22 ? 10.01379  5.73209   -8.76487  1.000 31.17000 ? 22  GLY A N    1 
ATOM   345 C CA   . GLY A 1 22 ? 9.29003   6.97853   -8.59722  1.000 33.97000 ? 22  GLY A CA   1 
ATOM   346 C C    . GLY A 1 22 ? 8.20066   6.94408   -7.54356  1.000 38.82000 ? 22  GLY A C    1 
ATOM   347 O O    . GLY A 1 22 ? 7.60304   7.99106   -7.25456  1.000 36.63000 ? 22  GLY A O    1 
ATOM   348 H H    . GLY A 1 22 ? 10.77053  5.70825   -8.35698  1.000 37.47000 ? 22  GLY A H    1 
ATOM   349 H HA2  . GLY A 1 22 ? 9.92023   7.67292   -8.34912  1.000 40.83000 ? 22  GLY A HA2  1 
ATOM   350 H HA3  . GLY A 1 22 ? 8.87704   7.21426   -9.44266  1.000 40.83000 ? 22  GLY A HA3  1 
ATOM   351 N N    . GLU A 1 23 ? 7.91310   5.78803   -6.96838  1.000 33.22000 ? 23  GLU A N    1 
ATOM   352 C CA   . GLU A 1 23 ? 6.85959   5.66414   -5.97460  1.000 28.97000 ? 23  GLU A CA   1 
ATOM   353 C C    . GLU A 1 23 ? 7.46398   5.60155   -4.57720  1.000 27.62000 ? 23  GLU A C    1 
ATOM   354 O O    . GLU A 1 23 ? 8.50035   4.98564   -4.37181  1.000 25.38000 ? 23  GLU A O    1 
ATOM   355 C CB   . GLU A 1 23 ? 6.04047   4.39559   -6.20087  1.000 22.44000 ? 23  GLU A CB   1 
ATOM   356 C CG   . GLU A 1 23 ? 5.20619   4.38657   -7.50407  1.000 33.41000 ? 23  GLU A CG   1 
ATOM   357 C CD   . GLU A 1 23 ? 4.32575   3.16715   -7.63608  1.000 33.05000 ? 23  GLU A CD   1 
ATOM   358 O OE1  . GLU A 1 23 ? 4.70347   2.08791   -7.11437  1.000 29.23000 ? 23  GLU A OE1  1 
ATOM   359 O OE2  . GLU A 1 23 ? 3.24979   3.29715   -8.28504  1.000 41.88000 ? 23  GLU A OE2  1 
ATOM   360 H H    . GLU A 1 23 ? 8.32009   5.04999   -7.13944  1.000 39.92000 ? 23  GLU A H    1 
ATOM   361 H HA   . GLU A 1 23 ? 6.27674   6.43676   -6.03972  1.000 34.83000 ? 23  GLU A HA   1 
ATOM   362 H HB2  . GLU A 1 23 ? 6.64728   3.63972   -6.23758  1.000 26.99000 ? 23  GLU A HB2  1 
ATOM   363 H HB3  . GLU A 1 23 ? 5.42425   4.29061   -5.45913  1.000 26.99000 ? 23  GLU A HB3  1 
ATOM   364 H HG2  . GLU A 1 23 ? 4.63457   5.17014   -7.51720  1.000 40.16000 ? 23  GLU A HG2  1 
ATOM   365 H HG3  . GLU A 1 23 ? 5.80908   4.40295   -8.26379  1.000 40.16000 ? 23  GLU A HG3  1 
ATOM   366 N N    . GLN A 1 24 ? 6.79330   6.20688   -3.64015  1.000 24.05000 ? 24  GLN A N    1 
ATOM   367 C CA   . GLN A 1 24 ? 7.21973   6.19958   -2.24622  1.000 33.35000 ? 24  GLN A CA   1 
ATOM   368 C C    . GLN A 1 24 ? 6.44878   5.12265   -1.47579  1.000 35.57000 ? 24  GLN A C    1 
ATOM   369 O O    . GLN A 1 24 ? 5.23846   4.93014   -1.69078  1.000 28.71000 ? 24  GLN A O    1 
ATOM   370 C CB   . GLN A 1 24 ? 6.98163   7.56770   -1.62783  1.000 35.65000 ? 24  GLN A CB   1 
ATOM   371 C CG   . GLN A 1 24 ? 7.26718   7.61687   -0.12289  1.000 51.83000 ? 24  GLN A CG   1 
ATOM   372 C CD   . GLN A 1 24 ? 7.31530   9.05515   0.39686   1.000 59.34000 ? 24  GLN A CD   1 
ATOM   373 O OE1  . GLN A 1 24 ? 7.61082   9.99379   -0.36500  1.000 58.50000 ? 24  GLN A OE1  1 
ATOM   374 N NE2  . GLN A 1 24 ? 7.02680   9.23360   1.68945   1.000 60.69000 ? 24  GLN A NE2  1 
ATOM   375 H H    . GLN A 1 24 ? 6.06579   6.64468   -3.77673  1.000 28.92000 ? 24  GLN A H    1 
ATOM   376 H HA   . GLN A 1 24 ? 8.16503   5.99218   -2.18082  1.000 40.08000 ? 24  GLN A HA   1 
ATOM   377 H HB2  . GLN A 1 24 ? 7.56232   8.21228   -2.06166  1.000 42.84000 ? 24  GLN A HB2  1 
ATOM   378 H HB3  . GLN A 1 24 ? 6.05319   7.81434   -1.76232  1.000 42.84000 ? 24  GLN A HB3  1 
ATOM   379 H HG2  . GLN A 1 24 ? 6.56514   7.14494   0.35180   1.000 62.26000 ? 24  GLN A HG2  1 
ATOM   380 H HG3  . GLN A 1 24 ? 8.12516   7.20036   0.05399   1.000 62.26000 ? 24  GLN A HG3  1 
ATOM   381 H HE21 . GLN A 1 24 ? 6.82736   8.55798   2.18277   1.000 72.89000 ? 24  GLN A HE21 1 
ATOM   382 H HE22 . GLN A 1 24 ? 7.04057   10.02405  2.02797   1.000 72.89000 ? 24  GLN A HE22 1 
ATOM   383 N N    . TRP A 1 25 ? 7.16890   4.39414   -0.62539  1.000 34.28000 ? 25  TRP A N    1 
ATOM   384 C CA   . TRP A 1 25 ? 6.60846   3.38049   0.26633   1.000 33.70000 ? 25  TRP A CA   1 
ATOM   385 C C    . TRP A 1 25 ? 6.02243   4.10282   1.46987   1.000 38.39000 ? 25  TRP A C    1 
ATOM   386 O O    . TRP A 1 25 ? 6.74754   4.51799   2.38189   1.000 31.46000 ? 25  TRP A O    1 
ATOM   387 C CB   . TRP A 1 25 ? 7.68203   2.38485   0.69155   1.000 33.29000 ? 25  TRP A CB   1 
ATOM   388 C CG   . TRP A 1 25 ? 7.16966   1.23678   1.55455   1.000 29.90000 ? 25  TRP A CG   1 
ATOM   389 C CD1  . TRP A 1 25 ? 5.85691   0.91599   1.82570   1.000 33.59000 ? 25  TRP A CD1  1 
ATOM   390 C CD2  . TRP A 1 25 ? 7.96129   0.25704   2.22089   1.000 35.41000 ? 25  TRP A CD2  1 
ATOM   391 N NE1  . TRP A 1 25 ? 5.78982   -0.20477  2.61094   1.000 34.01000 ? 25  TRP A NE1  1 
ATOM   392 C CE2  . TRP A 1 25 ? 7.07032   -0.61792  2.89510   1.000 40.25000 ? 25  TRP A CE2  1 
ATOM   393 C CE3  . TRP A 1 25 ? 9.34080   0.03542   2.33227   1.000 38.84000 ? 25  TRP A CE3  1 
ATOM   394 C CZ2  . TRP A 1 25 ? 7.52116   -1.69837  3.66647   1.000 39.36000 ? 25  TRP A CZ2  1 
ATOM   395 C CZ3  . TRP A 1 25 ? 9.78361   -1.03130  3.11452   1.000 34.15000 ? 25  TRP A CZ3  1 
ATOM   396 C CH2  . TRP A 1 25 ? 8.87587   -1.88688  3.76305   1.000 35.94000 ? 25  TRP A CH2  1 
ATOM   397 H H    . TRP A 1 25 ? 8.02138   4.47141   -0.54227  1.000 41.19000 ? 25  TRP A H    1 
ATOM   398 H HA   . TRP A 1 25 ? 5.90503   2.89143   -0.18855  1.000 40.50000 ? 25  TRP A HA   1 
ATOM   399 H HB2  . TRP A 1 25 ? 8.07888   1.99866   -0.10486  1.000 40.02000 ? 25  TRP A HB2  1 
ATOM   400 H HB3  . TRP A 1 25 ? 8.35733   2.85745   1.20295   1.000 40.02000 ? 25  TRP A HB3  1 
ATOM   401 H HD1  . TRP A 1 25 ? 5.12013   1.39328   1.51874   1.000 40.37000 ? 25  TRP A HD1  1 
ATOM   402 H HE1  . TRP A 1 25 ? 5.06778   -0.58604  2.88093   1.000 40.87000 ? 25  TRP A HE1  1 
ATOM   403 H HE3  . TRP A 1 25 ? 9.94764   0.58749   1.89423   1.000 46.67000 ? 25  TRP A HE3  1 
ATOM   404 H HZ2  . TRP A 1 25 ? 6.92345   -2.26625  4.09674   1.000 47.29000 ? 25  TRP A HZ2  1 
ATOM   405 H HZ3  . TRP A 1 25 ? 10.69689  -1.17936  3.20886   1.000 41.05000 ? 25  TRP A HZ3  1 
ATOM   406 H HH2  . TRP A 1 25 ? 9.20140   -2.59630  4.26869   1.000 43.19000 ? 25  TRP A HH2  1 
ATOM   407 N N    . ILE A 1 26 ? 4.71181   4.33449   1.44752   1.000 30.41000 ? 26  ILE A N    1 
ATOM   408 C CA   . ILE A 1 26 ? 4.11251   5.23588   2.42222   1.000 30.03000 ? 26  ILE A CA   1 
ATOM   409 C C    . ILE A 1 26 ? 3.38501   4.49964   3.53189   1.000 35.75000 ? 26  ILE A C    1 
ATOM   410 O O    . ILE A 1 26 ? 2.88948   5.15578   4.46252   1.000 34.46000 ? 26  ILE A O    1 
ATOM   411 C CB   . ILE A 1 26 ? 3.13826   6.23367   1.76181   1.000 36.26000 ? 26  ILE A CB   1 
ATOM   412 C CG1  . ILE A 1 26 ? 1.93687   5.52263   1.08753   1.000 32.88000 ? 26  ILE A CG1  1 
ATOM   413 C CG2  . ILE A 1 26 ? 3.86711   7.10230   0.74754   1.000 33.26000 ? 26  ILE A CG2  1 
ATOM   414 C CD1  . ILE A 1 26 ? 0.78814   6.50377   0.79034   1.000 29.91000 ? 26  ILE A CD1  1 
ATOM   415 H H    . ILE A 1 26 ? 4.15985   3.98697   0.88701   1.000 36.55000 ? 26  ILE A H    1 
ATOM   416 H HA   . ILE A 1 26 ? 4.83597   5.74525   2.81977   1.000 36.10000 ? 26  ILE A HA   1 
ATOM   417 H HB   . ILE A 1 26 ? 2.78648   6.79304   2.47193   1.000 43.57000 ? 26  ILE A HB   1 
ATOM   418 H HG12 . ILE A 1 26 ? 2.22698   5.13017   0.24925   1.000 39.52000 ? 26  ILE A HG12 1 
ATOM   419 H HG13 . ILE A 1 26 ? 1.60151   4.83097   1.67917   1.000 39.52000 ? 26  ILE A HG13 1 
ATOM   420 H HG21 . ILE A 1 26 ? 3.23837   7.73185   0.36121   1.000 39.98000 ? 26  ILE A HG21 1 
ATOM   421 H HG22 . ILE A 1 26 ? 4.58087   7.58130   1.19699   1.000 39.98000 ? 26  ILE A HG22 1 
ATOM   422 H HG23 . ILE A 1 26 ? 4.23596   6.53469   0.05280   1.000 39.98000 ? 26  ILE A HG23 1 
ATOM   423 H HD11 . ILE A 1 26 ? 0.03245   6.00792   0.43825   1.000 35.95000 ? 26  ILE A HD11 1 
ATOM   424 H HD12 . ILE A 1 26 ? 0.53535   6.95238   1.61237   1.000 35.95000 ? 26  ILE A HD12 1 
ATOM   425 H HD13 . ILE A 1 26 ? 1.08974   7.15474   0.13752   1.000 35.95000 ? 26  ILE A HD13 1 
ATOM   426 N N    . GLY A 1 27 ? 3.26246   3.18137   3.43665   1.000 31.74000 ? 27  GLY A N    1 
ATOM   427 C CA   . GLY A 1 27 ? 2.58466   2.39003   4.42871   1.000 27.40000 ? 27  GLY A CA   1 
ATOM   428 C C    . GLY A 1 27 ? 2.51963   0.95891   3.93374   1.000 31.00000 ? 27  GLY A C    1 
ATOM   429 O O    . GLY A 1 27 ? 3.14887   0.61602   2.93016   1.000 28.96000 ? 27  GLY A O    1 
ATOM   430 H H    . GLY A 1 27 ? 3.57503   2.71528   2.78499   1.000 38.15000 ? 27  GLY A H    1 
ATOM   431 H HA2  . GLY A 1 27 ? 3.06683   2.41855   5.26990   1.000 32.94000 ? 27  GLY A HA2  1 
ATOM   432 H HA3  . GLY A 1 27 ? 1.68474   2.72374   4.56906   1.000 32.94000 ? 27  GLY A HA3  1 
ATOM   433 N N    . ASN A 1 28 ? 1.76651   0.12879   4.66305   1.000 27.51000 ? 28  ASN A N    1 
ATOM   434 C CA   . ASN A 1 28 ? 1.43670   -1.21640  4.22173   1.000 26.19000 ? 28  ASN A CA   1 
ATOM   435 C C    . ASN A 1 28 ? -0.07226  -1.36905  4.11618   1.000 33.75000 ? 28  ASN A C    1 
ATOM   436 O O    . ASN A 1 28 ? -0.83921  -0.77282  4.88937   1.000 32.26000 ? 28  ASN A O    1 
ATOM   437 C CB   . ASN A 1 28 ? 1.96500   -2.30331  5.15499   1.000 33.91000 ? 28  ASN A CB   1 
ATOM   438 C CG   . ASN A 1 28 ? 3.45406   -2.46418  5.05231   1.000 41.27000 ? 28  ASN A CG   1 
ATOM   439 O OD1  . ASN A 1 28 ? 4.02274   -2.09569  4.04592   1.000 29.04000 ? 28  ASN A OD1  1 
ATOM   440 N ND2  . ASN A 1 28 ? 4.10244   -2.96647  6.11376   1.000 35.85000 ? 28  ASN A ND2  1 
ATOM   441 H H    . ASN A 1 28 ? 1.43281   0.33244   5.42906   1.000 33.07000 ? 28  ASN A H    1 
ATOM   442 H HA   . ASN A 1 28 ? 1.84530   -1.34548  3.35151   1.000 31.49000 ? 28  ASN A HA   1 
ATOM   443 H HB2  . ASN A 1 28 ? 1.74867   -2.06900  6.07107   1.000 40.76000 ? 28  ASN A HB2  1 
ATOM   444 H HB3  . ASN A 1 28 ? 1.55270   -3.15010  4.92292   1.000 40.76000 ? 28  ASN A HB3  1 
ATOM   445 H HD21 . ASN A 1 28 ? 4.95562   -3.07100  6.08656   1.000 43.09000 ? 28  ASN A HD21 1 
ATOM   446 H HD22 . ASN A 1 28 ? 3.66493   -3.18396  6.82150   1.000 43.09000 ? 28  ASN A HD22 1 
ATOM   447 N N    . CYS A 1 29 ? -0.48906  -2.14878  3.12585   1.000 32.04000 ? 29  CYS A N    1 
ATOM   448 C CA   . CYS A 1 29 ? -1.84804  -2.66303  3.02980   1.000 21.71000 ? 29  CYS A CA   1 
ATOM   449 C C    . CYS A 1 29 ? -1.97068  -3.90259  3.90995   1.000 37.89000 ? 29  CYS A C    1 
ATOM   450 O O    . CYS A 1 29 ? -0.99363  -4.36895  4.47682   1.000 32.17000 ? 29  CYS A O    1 
ATOM   451 C CB   . CYS A 1 29 ? -2.15901  -2.98159  1.56509   1.000 28.92000 ? 29  CYS A CB   1 
ATOM   452 S SG   . CYS A 1 29 ? -1.81955  -1.56022  0.54596   1.000 26.34000 ? 29  CYS A SG   1 
ATOM   453 H H    . CYS A 1 29 ? 0.01280   -2.40293  2.47536   1.000 38.52000 ? 29  CYS A H    1 
ATOM   454 H HA   . CYS A 1 29 ? -2.49748  -2.01101  3.33640   1.000 26.12000 ? 29  CYS A HA   1 
ATOM   455 H HB2  . CYS A 1 29 ? -1.60382  -3.71896  1.26686   1.000 34.77000 ? 29  CYS A HB2  1 
ATOM   456 H HB3  . CYS A 1 29 ? -3.09632  -3.21405  1.47392   1.000 34.77000 ? 29  CYS A HB3  1 
ATOM   457 N N    . ASN A 1 30 ? -3.18626  -4.42409  4.05244   1.000 28.04000 ? 30  ASN A N    1 
ATOM   458 C CA   . ASN A 1 30 ? -3.35284  -5.70966  4.70498   1.000 32.98000 ? 30  ASN A CA   1 
ATOM   459 C C    . ASN A 1 30 ? -2.82077  -6.82500  3.80292   1.000 40.43000 ? 30  ASN A C    1 
ATOM   460 O O    . ASN A 1 30 ? -2.50932  -6.62862  2.60983   1.000 32.84000 ? 30  ASN A O    1 
ATOM   461 C CB   . ASN A 1 30 ? -4.81981  -5.95226  5.06238   1.000 26.58000 ? 30  ASN A CB   1 
ATOM   462 C CG   . ASN A 1 30 ? -5.35050  -4.93585  6.03449   1.000 32.68000 ? 30  ASN A CG   1 
ATOM   463 O OD1  . ASN A 1 30 ? -5.86391  -3.89657  5.63724   1.000 27.61000 ? 30  ASN A OD1  1 
ATOM   464 N ND2  . ASN A 1 30 ? -5.15864  -5.19274  7.33315   1.000 29.25000 ? 30  ASN A ND2  1 
ATOM   465 H H    . ASN A 1 30 ? -3.91575  -4.05671  3.78323   1.000 33.71000 ? 30  ASN A H    1 
ATOM   466 H HA   . ASN A 1 30 ? -2.84798  -5.72016  5.53318   1.000 39.63000 ? 30  ASN A HA   1 
ATOM   467 H HB2  . ASN A 1 30 ? -5.35503  -5.90460  4.25481   1.000 31.96000 ? 30  ASN A HB2  1 
ATOM   468 H HB3  . ASN A 1 30 ? -4.90678  -6.82967  5.46673   1.000 31.96000 ? 30  ASN A HB3  1 
ATOM   469 H HD21 . ASN A 1 30 ? -5.44437  -4.64071  7.92747   1.000 35.17000 ? 30  ASN A HD21 1 
ATOM   470 H HD22 . ASN A 1 30 ? -4.74953  -5.90992  7.57376   1.000 35.17000 ? 30  ASN A HD22 1 
ATOM   471 N N    . GLY A 1 31 ? -2.69032  -8.00555  4.38686   1.000 42.56000 ? 31  GLY A N    1 
ATOM   472 C CA   . GLY A 1 31 ? -2.03053  -9.09214  3.69605   1.000 47.28000 ? 31  GLY A CA   1 
ATOM   473 C C    . GLY A 1 31 ? -0.55102  -9.11668  4.01713   1.000 48.67000 ? 31  GLY A C    1 
ATOM   474 O O    . GLY A 1 31 ? -0.02664  -8.29519  4.77863   1.000 47.69000 ? 31  GLY A O    1 
ATOM   475 H H    . GLY A 1 31 ? -2.97380  -8.19806  5.17563   1.000 51.13000 ? 31  GLY A H    1 
ATOM   476 H HA2  . GLY A 1 31 ? -2.42265  -9.93717  3.96630   1.000 56.80000 ? 31  GLY A HA2  1 
ATOM   477 H HA3  . GLY A 1 31 ? -2.14034  -8.98500  2.73825   1.000 56.80000 ? 31  GLY A HA3  1 
ATOM   478 N N    . ARG A 1 32 ? 0.14588   -10.09363 3.43771   1.000 52.25000 ? 32  ARG A N    1 
ATOM   479 C CA   . ARG A 1 32 ? 1.55441   -10.29919 3.75392   1.000 55.61000 ? 32  ARG A CA   1 
ATOM   480 C C    . ARG A 1 32 ? 2.39929   -9.70384  2.63845   1.000 39.32000 ? 32  ARG A C    1 
ATOM   481 O O    . ARG A 1 32 ? 2.17730   -9.98398  1.44727   1.000 43.21000 ? 32  ARG A O    1 
ATOM   482 C CB   . ARG A 1 32 ? 1.88551   -11.78370 3.96194   1.000 61.87000 ? 32  ARG A CB   1 
ATOM   483 C CG   . ARG A 1 32 ? 2.93266   -12.06418 5.08277   1.000 68.17000 ? 32  ARG A CG   1 
ATOM   484 C CD   . ARG A 1 32 ? 2.35900   -11.95998 6.52996   1.000 66.40000 ? 32  ARG A CD   1 
ATOM   485 N NE   . ARG A 1 32 ? 3.26232   -12.54363 7.53454   1.000 69.06000 ? 32  ARG A NE   1 
ATOM   486 C CZ   . ARG A 1 32 ? 4.06203   -11.86291 8.36834   1.000 77.95000 ? 32  ARG A CZ   1 
ATOM   487 N NH1  . ARG A 1 32 ? 4.10306   -10.53532 8.36367   1.000 79.82000 ? 32  ARG A NH1  1 
ATOM   488 N NH2  . ARG A 1 32 ? 4.84067   -12.51783 9.22500   1.000 70.70000 ? 32  ARG A NH2  1 
ATOM   489 H H    . ARG A 1 32 ? -0.17549  -10.64574 2.86195   1.000 62.77000 ? 32  ARG A H    1 
ATOM   490 H HA   . ARG A 1 32 ? 1.76924   -9.84606  4.58423   1.000 66.79000 ? 32  ARG A HA   1 
ATOM   491 H HB2  . ARG A 1 32 ? 1.06973   -12.25135 4.20005   1.000 74.31000 ? 32  ARG A HB2  1 
ATOM   492 H HB3  . ARG A 1 32 ? 2.24194   -12.13944 3.13289   1.000 74.31000 ? 32  ARG A HB3  1 
ATOM   493 H HG2  . ARG A 1 32 ? 3.27878   -12.96301 4.96779   1.000 81.87000 ? 32  ARG A HG2  1 
ATOM   494 H HG3  . ARG A 1 32 ? 3.65271   -11.41892 5.00484   1.000 81.87000 ? 32  ARG A HG3  1 
ATOM   495 H HD2  . ARG A 1 32 ? 2.22507   -11.02529 6.75205   1.000 79.74000 ? 32  ARG A HD2  1 
ATOM   496 H HD3  . ARG A 1 32 ? 1.51445   -12.43525 6.57188   1.000 79.74000 ? 32  ARG A HD3  1 
ATOM   497 H HE   . ARG A 1 32 ? 3.27885   -13.40153 7.59224   1.000 82.93000 ? 32  ARG A HE   1 
ATOM   498 H HH11 . ARG A 1 32 ? 3.60912   -10.09177 7.81697   1.000 95.85000 ? 32  ARG A HH11 1 
ATOM   499 H HH12 . ARG A 1 32 ? 4.62356   -10.11928 8.90735   1.000 95.85000 ? 32  ARG A HH12 1 
ATOM   500 H HH21 . ARG A 1 32 ? 4.83114   -13.37757 9.24402   1.000 84.90000 ? 32  ARG A HH21 1 
ATOM   501 H HH22 . ARG A 1 32 ? 5.35368   -12.08156 9.75987   1.000 84.90000 ? 32  ARG A HH22 1 
ATOM   502 N N    . HIS A 1 33 ? 3.32247   -8.82625  3.02118   1.000 39.02000 ? 33  HIS A N    1 
ATOM   503 C CA   . HIS A 1 33 ? 4.18018   -8.13867  2.06058   1.000 48.07000 ? 33  HIS A CA   1 
ATOM   504 C C    . HIS A 1 33 ? 3.35996   -7.39574  0.99896   1.000 46.02000 ? 33  HIS A C    1 
ATOM   505 O O    . HIS A 1 33 ? 3.67001   -7.43671  -0.19831  1.000 37.95000 ? 33  HIS A O    1 
ATOM   506 C CB   . HIS A 1 33 ? 5.14734   -9.14107  1.43401   1.000 50.20000 ? 33  HIS A CB   1 
ATOM   507 C CG   . HIS A 1 33 ? 5.91579   -9.92087  2.45282   1.000 55.67000 ? 33  HIS A CG   1 
ATOM   508 N ND1  . HIS A 1 33 ? 6.27938   -9.38425  3.67220   1.000 63.98000 ? 33  HIS A ND1  1 
ATOM   509 C CD2  . HIS A 1 33 ? 6.36591   -11.19815 2.45623   1.000 63.21000 ? 33  HIS A CD2  1 
ATOM   510 C CE1  . HIS A 1 33 ? 6.93361   -10.29067 4.37592   1.000 58.09000 ? 33  HIS A CE1  1 
ATOM   511 N NE2  . HIS A 1 33 ? 7.00246   -11.40007 3.66075   1.000 63.41000 ? 33  HIS A NE2  1 
ATOM   512 H H    . HIS A 1 33 ? 3.47287   -8.60986  3.83980   1.000 46.89000 ? 33  HIS A H    1 
ATOM   513 H HA   . HIS A 1 33 ? 4.69695   -7.45668  2.51747   1.000 57.75000 ? 33  HIS A HA   1 
ATOM   514 H HB2  . HIS A 1 33 ? 4.64388   -9.76913  0.89273   1.000 60.30000 ? 33  HIS A HB2  1 
ATOM   515 H HB3  . HIS A 1 33 ? 5.78366   -8.66181  0.88057   1.000 60.30000 ? 33  HIS A HB3  1 
ATOM   516 H HD2  . HIS A 1 33 ? 6.26430   -11.82159 1.77366   1.000 75.92000 ? 33  HIS A HD2  1 
ATOM   517 H HE1  . HIS A 1 33 ? 7.28536   -10.16912 5.22821   1.000 69.77000 ? 33  HIS A HE1  1 
ATOM   518 H HE2  . HIS A 1 33 ? 7.38342   -12.13045 3.90779   1.000 76.16000 ? 33  HIS A HE2  1 
ATOM   519 N N    . GLN A 1 34 ? 2.28862   -6.72391  1.44081   1.000 34.86000 ? 34  GLN A N    1 
ATOM   520 C CA   . GLN A 1 34 ? 1.49534   -5.84749  0.58670   1.000 33.17000 ? 34  GLN A CA   1 
ATOM   521 C C    . GLN A 1 34 ? 1.80476   -4.42175  1.00904   1.000 40.54000 ? 34  GLN A C    1 
ATOM   522 O O    . GLN A 1 34 ? 1.31832   -3.94024  2.03918   1.000 34.31000 ? 34  GLN A O    1 
ATOM   523 C CB   . GLN A 1 34 ? 0.00595   -6.14964  0.67695   1.000 41.54000 ? 34  GLN A CB   1 
ATOM   524 C CG   . GLN A 1 34 ? -0.39863  -7.48367  0.08547   1.000 35.60000 ? 34  GLN A CG   1 
ATOM   525 C CD   . GLN A 1 34 ? -0.21733  -7.54253  -1.42102  1.000 44.27000 ? 34  GLN A CD   1 
ATOM   526 O OE1  . GLN A 1 34 ? 0.52522   -8.37295  -1.92965  1.000 43.75000 ? 34  GLN A OE1  1 
ATOM   527 N NE2  . GLN A 1 34 ? -0.91439  -6.67917  -2.13623  1.000 37.87000 ? 34  GLN A NE2  1 
ATOM   528 H H    . GLN A 1 34 ? 2.00057   -6.76478  2.25011   1.000 41.89000 ? 34  GLN A H    1 
ATOM   529 H HA   . GLN A 1 34 ? 1.75776   -5.97809  -0.33795  1.000 39.87000 ? 34  GLN A HA   1 
ATOM   530 H HB2  . GLN A 1 34 ? -0.25298  -6.15252  1.61175   1.000 49.91000 ? 34  GLN A HB2  1 
ATOM   531 H HB3  . GLN A 1 34 ? -0.47938  -5.45808  0.20040   1.000 49.91000 ? 34  GLN A HB3  1 
ATOM   532 H HG2  . GLN A 1 34 ? 0.14685   -8.18204  0.47996   1.000 42.79000 ? 34  GLN A HG2  1 
ATOM   533 H HG3  . GLN A 1 34 ? -1.33515  -7.64416  0.28058   1.000 42.79000 ? 34  GLN A HG3  1 
ATOM   534 H HE21 . GLN A 1 34 ? -1.43861  -6.12084  -1.74501  1.000 45.51000 ? 34  GLN A HE21 1 
ATOM   535 H HE22 . GLN A 1 34 ? -0.84425  -6.67509  -2.99335  1.000 45.51000 ? 34  GLN A HE22 1 
ATOM   536 N N    . HIS A 1 35 ? 2.62602   -3.75049  0.21496   1.000 33.01000 ? 35  HIS A N    1 
ATOM   537 C CA   . HIS A 1 35 ? 3.08708   -2.41511  0.54631   1.000 30.02000 ? 35  HIS A CA   1 
ATOM   538 C C    . HIS A 1 35 ? 2.24919   -1.38640  -0.17183  1.000 24.29000 ? 35  HIS A C    1 
ATOM   539 O O    . HIS A 1 35 ? 1.93975   -1.53899  -1.35051  1.000 31.69000 ? 35  HIS A O    1 
ATOM   540 C CB   . HIS A 1 35 ? 4.56726   -2.27095  0.19497   1.000 33.95000 ? 35  HIS A CB   1 
ATOM   541 C CG   . HIS A 1 35 ? 5.41118   -3.35631  0.78777   1.000 40.02000 ? 35  HIS A CG   1 
ATOM   542 N ND1  . HIS A 1 35 ? 5.47787   -3.58633  2.15067   1.000 38.22000 ? 35  HIS A ND1  1 
ATOM   543 C CD2  . HIS A 1 35 ? 6.18594   -4.30412  0.21147   1.000 45.48000 ? 35  HIS A CD2  1 
ATOM   544 C CE1  . HIS A 1 35 ? 6.26436   -4.62158  2.38219   1.000 44.79000 ? 35  HIS A CE1  1 
ATOM   545 N NE2  . HIS A 1 35 ? 6.71605   -5.07026  1.22405   1.000 46.95000 ? 35  HIS A NE2  1 
ATOM   546 H H    . HIS A 1 35 ? 2.93258   -4.05266  -0.52957  1.000 39.67000 ? 35  HIS A H    1 
ATOM   547 H HA   . HIS A 1 35 ? 2.98935   -2.24764  1.49673   1.000 36.09000 ? 35  HIS A HA   1 
ATOM   548 H HB2  . HIS A 1 35 ? 4.66775   -2.30507  -0.76920  1.000 40.80000 ? 35  HIS A HB2  1 
ATOM   549 H HB3  . HIS A 1 35 ? 4.89058   -1.42093  0.53235   1.000 40.80000 ? 35  HIS A HB3  1 
ATOM   550 H HD1  . HIS A 1 35 ? 5.07071   -3.12684  2.75289   1.000 45.92000 ? 35  HIS A HD1  1 
ATOM   551 H HD2  . HIS A 1 35 ? 6.33291   -4.41684  -0.69990  1.000 54.64000 ? 35  HIS A HD2  1 
ATOM   552 H HE1  . HIS A 1 35 ? 6.46616   -4.97500  3.21841   1.000 53.81000 ? 35  HIS A HE1  1 
ATOM   553 N N    . CYS A 1 36 ? 1.90124   -0.32599  0.53113   1.000 25.01000 ? 36  CYS A N    1 
ATOM   554 C CA   . CYS A 1 36 ? 1.19927   0.77803   -0.07072  1.000 24.74000 ? 36  CYS A CA   1 
ATOM   555 C C    . CYS A 1 36 ? 2.20938   1.70813   -0.73890  1.000 31.55000 ? 36  CYS A C    1 
ATOM   556 O O    . CYS A 1 36 ? 3.03508   2.31903   -0.07123  1.000 28.70000 ? 36  CYS A O    1 
ATOM   557 C CB   . CYS A 1 36 ? 0.35509   1.51967   0.94523   1.000 25.64000 ? 36  CYS A CB   1 
ATOM   558 S SG   . CYS A 1 36 ? -0.51374  2.87281   0.20231   1.000 29.23000 ? 36  CYS A SG   1 
ATOM   559 H H    . CYS A 1 36 ? 2.06414   -0.22413  1.36940   1.000 30.08000 ? 36  CYS A H    1 
ATOM   560 H HA   . CYS A 1 36 ? 0.59270   0.43871   -0.74735  1.000 29.75000 ? 36  CYS A HA   1 
ATOM   561 H HB2  . CYS A 1 36 ? -0.29623  0.91044   1.32667   1.000 30.83000 ? 36  CYS A HB2  1 
ATOM   562 H HB3  . CYS A 1 36 ? 0.92924   1.87128   1.64353   1.000 30.83000 ? 36  CYS A HB3  1 
ATOM   563 N N    . CYS A 1 37 ? 2.12252   1.81539   -2.06229  1.000 23.78000 ? 37  CYS A N    1 
ATOM   564 C CA   . CYS A 1 37 ? 3.10478   2.52114   -2.88039  1.000 30.32000 ? 37  CYS A CA   1 
ATOM   565 C C    . CYS A 1 37 ? 2.42127   3.67485   -3.60880  1.000 28.94000 ? 37  CYS A C    1 
ATOM   566 O O    . CYS A 1 37 ? 1.38353   3.47878   -4.27137  1.000 29.89000 ? 37  CYS A O    1 
ATOM   567 C CB   . CYS A 1 37 ? 3.72606   1.56148   -3.89669  1.000 31.85000 ? 37  CYS A CB   1 
ATOM   568 S SG   . CYS A 1 37 ? 4.58308   0.17846   -3.16293  1.000 31.35000 ? 37  CYS A SG   1 
ATOM   569 H H    . CYS A 1 37 ? 1.48152   1.47590   -2.52429  1.000 28.60000 ? 37  CYS A H    1 
ATOM   570 H HA   . CYS A 1 37 ? 3.80314   2.88937   -2.31683  1.000 36.44000 ? 37  CYS A HA   1 
ATOM   571 H HB2  . CYS A 1 37 ? 3.02058   1.20614   -4.45966  1.000 38.28000 ? 37  CYS A HB2  1 
ATOM   572 H HB3  . CYS A 1 37 ? 4.36566   2.05210   -4.43623  1.000 38.28000 ? 37  CYS A HB3  1 
ATOM   573 N N    . LYS A 1 38 ? 3.00932   4.85951   -3.51081  1.000 28.19000 ? 38  LYS A N    1 
ATOM   574 C CA   . LYS A 1 38 ? 2.42548   6.06591   -4.07223  1.000 37.14000 ? 38  LYS A CA   1 
ATOM   575 C C    . LYS A 1 38 ? 3.45110   6.93969   -4.79316  1.000 34.69000 ? 38  LYS A C    1 
ATOM   576 O O    . LYS A 1 38 ? 3.21366   7.26362   -5.95268  1.000 42.97000 ? 38  LYS A O    1 
ATOM   577 C CB   . LYS A 1 38 ? 1.77462   6.90531   -2.98432  1.000 29.55000 ? 38  LYS A CB   1 
ATOM   578 C CG   . LYS A 1 38 ? 1.03965   8.09971   -3.56419  1.000 40.35000 ? 38  LYS A CG   1 
ATOM   579 C CD   . LYS A 1 38 ? 0.45030   8.99910   -2.50704  1.000 35.78000 ? 38  LYS A CD   1 
ATOM   580 C CE   . LYS A 1 38 ? -0.43110  10.07877  -3.18374  1.000 46.14000 ? 38  LYS A CE   1 
ATOM   581 N NZ   . LYS A 1 38 ? -1.04430  11.03403  -2.21556  1.000 47.86000 ? 38  LYS A NZ   1 
ATOM   582 O OXT  . LYS A 1 38 ? 4.49808   7.36165   -4.23809  1.000 33.70000 ? 38  LYS A OXT  1 
ATOM   583 H H    . LYS A 1 38 ? 3.76172   4.99242   -3.11606  1.000 33.90000 ? 38  LYS A H    1 
ATOM   584 H HA   . LYS A 1 38 ? 1.75822   5.78307   -4.71695  1.000 44.63000 ? 38  LYS A HA   1 
ATOM   585 H HB2  . LYS A 1 38 ? 1.13588   6.36030   -2.49865  1.000 35.52000 ? 38  LYS A HB2  1 
ATOM   586 H HB3  . LYS A 1 38 ? 2.45912   7.23225   -2.37978  1.000 35.52000 ? 38  LYS A HB3  1 
ATOM   587 H HG2  . LYS A 1 38 ? 1.66023   8.62627   -4.09194  1.000 48.48000 ? 38  LYS A HG2  1 
ATOM   588 H HG3  . LYS A 1 38 ? 0.31413   7.78225   -4.12431  1.000 48.48000 ? 38  LYS A HG3  1 
ATOM   589 H HD2  . LYS A 1 38 ? -0.10057  8.47865   -1.90158  1.000 43.00000 ? 38  LYS A HD2  1 
ATOM   590 H HD3  . LYS A 1 38 ? 1.16127   9.43807   -2.01436  1.000 43.00000 ? 38  LYS A HD3  1 
ATOM   591 H HE2  . LYS A 1 38 ? 0.11650   10.59038  -3.79958  1.000 55.43000 ? 38  LYS A HE2  1 
ATOM   592 H HE3  . LYS A 1 38 ? -1.15042  9.64057   -3.66484  1.000 55.43000 ? 38  LYS A HE3  1 
ATOM   593 H HZ1  . LYS A 1 38 ? -1.54116  11.63098  -2.65017  1.000 57.50000 ? 38  LYS A HZ1  1 
ATOM   594 H HZ2  . LYS A 1 38 ? -1.55999  10.59398  -1.63892  1.000 57.50000 ? 38  LYS A HZ2  1 
ATOM   595 H HZ3  . LYS A 1 38 ? -0.40706  11.46184  -1.76499  1.000 57.50000 ? 38  LYS A HZ3  1 
HETATM 596 C CAC  . FLC B 2 .  ? -5.49005  -7.76704  11.06649  1.000 58.18000 ? 101 FLC A CAC  1 
HETATM 597 C CA   . FLC B 2 .  ? -4.67916  -7.34496  9.86189   1.000 54.49000 ? 101 FLC A CA   1 
HETATM 598 C CB   . FLC B 2 .  ? -4.84983  -8.23578  8.61331   1.000 55.26000 ? 101 FLC A CB   1 
HETATM 599 C CBC  . FLC B 2 .  ? -3.44360  -8.25421  8.05680   1.000 41.46000 ? 101 FLC A CBC  1 
HETATM 600 C CG   . FLC B 2 .  ? -5.33665  -9.66544  8.83048   1.000 54.10000 ? 101 FLC A CG   1 
HETATM 601 C CGC  . FLC B 2 .  ? -5.68838  -10.24494 7.45017   1.000 68.95000 ? 101 FLC A CGC  1 
HETATM 602 O OA1  . FLC B 2 .  ? -5.39622  -8.93853  11.50049  1.000 79.42000 ? 101 FLC A OA1  1 
HETATM 603 O OA2  . FLC B 2 .  ? -6.23478  -6.93127  11.64339  1.000 60.15000 ? 101 FLC A OA2  1 
HETATM 604 O OB1  . FLC B 2 .  ? -2.67175  -9.18573  8.36591   1.000 62.27000 ? 101 FLC A OB1  1 
HETATM 605 O OB2  . FLC B 2 .  ? -3.04498  -7.33050  7.30792   1.000 46.59000 ? 101 FLC A OB2  1 
HETATM 606 O OG1  . FLC B 2 .  ? -6.49884  -11.22310 7.38494   1.000 75.12000 ? 101 FLC A OG1  1 
HETATM 607 O OG2  . FLC B 2 .  ? -5.19266  -9.75650  6.37436   1.000 60.20000 ? 101 FLC A OG2  1 
HETATM 608 O OHB  . FLC B 2 .  ? -5.72729  -7.69893  7.65870   1.000 51.41000 ? 101 FLC A OHB  1 
HETATM 609 H HA1  . FLC B 2 .  ? -4.94126  -6.44166  9.62470   1.000 65.46000 ? 101 FLC A HA1  1 
HETATM 610 H HA2  . FLC B 2 .  ? -3.74204  -7.35454  10.11210  1.000 65.46000 ? 101 FLC A HA2  1 
HETATM 611 H HG1  . FLC B 2 .  ? -4.63697  -10.19489 9.24404   1.000 64.98000 ? 101 FLC A HG1  1 
HETATM 612 H HG2  . FLC B 2 .  ? -6.12173  -9.66560  9.40017   1.000 64.98000 ? 101 FLC A HG2  1 
HETATM 613 H HOB  . FLC B 2 .  ? -6.39333  -7.34487  8.05233   1.000 61.76000 ? 101 FLC A HOB  1 
HETATM 614 C C1   . EDO C 3 .  ? -1.49777  3.82263   4.63098   1.000 53.68000 ? 102 EDO A C1   1 
HETATM 615 O O1   . EDO C 3 .  ? -1.01204  4.51859   3.48029   1.000 42.43000 ? 102 EDO A O1   1 
HETATM 616 C C2   . EDO C 3 .  ? -2.23895  2.55649   4.19703   1.000 45.33000 ? 102 EDO A C2   1 
HETATM 617 O O2   . EDO C 3 .  ? -1.38539  1.40985   4.34267   1.000 44.41000 ? 102 EDO A O2   1 
HETATM 618 H H11  . EDO C 3 .  ? -0.66225  3.55680   5.28191   1.000 64.48000 ? 102 EDO A H11  1 
HETATM 619 H H12  . EDO C 3 .  ? -2.17148  4.46945   5.19683   1.000 64.48000 ? 102 EDO A H12  1 
HETATM 620 H HO1  . EDO C 3 .  ? -0.57062  5.33273   3.75853   1.000 50.97000 ? 102 EDO A HO1  1 
HETATM 621 H H21  . EDO C 3 .  ? -3.13565  2.42767   4.80677   1.000 54.45000 ? 102 EDO A H21  1 
HETATM 622 H H22  . EDO C 3 .  ? -2.55229  2.65217   3.15534   1.000 54.45000 ? 102 EDO A H22  1 
HETATM 623 H HO2  . EDO C 3 .  ? -1.85716  0.61773   4.05101   1.000 53.36000 ? 102 EDO A HO2  1 
HETATM 624 C C1   . EDO D 3 .  ? -5.29414  -1.88879  12.63832  1.000 55.34000 ? 103 EDO A C1   1 
HETATM 625 O O1   . EDO D 3 .  ? -4.95710  -0.66252  13.30147  1.000 66.45000 ? 103 EDO A O1   1 
HETATM 626 C C2   . EDO D 3 .  ? -6.52178  -2.51851  13.28241  1.000 72.38000 ? 103 EDO A C2   1 
HETATM 627 O O2   . EDO D 3 .  ? -6.78787  -3.78109  12.65380  1.000 70.89000 ? 103 EDO A O2   1 
HETATM 628 H H11  . EDO D 3 .  ? -5.49336  -1.69251  11.58274  1.000 66.47000 ? 103 EDO A H11  1 
HETATM 629 H H12  . EDO D 3 .  ? -4.45222  -2.58168  12.69781  1.000 66.47000 ? 103 EDO A H12  1 
HETATM 630 H HO1  . EDO D 3 .  ? -4.15690  -0.29125  12.90534  1.000 79.81000 ? 103 EDO A HO1  1 
HETATM 631 H H21  . EDO D 3 .  ? -6.34890  -2.66344  14.35085  1.000 86.92000 ? 103 EDO A H21  1 
HETATM 632 H H22  . EDO D 3 .  ? -7.38298  -1.85684  13.16848  1.000 86.92000 ? 103 EDO A H22  1 
HETATM 633 H HO2  . EDO D 3 .  ? -7.60825  -4.15087  13.00782  1.000 85.13000 ? 103 EDO A HO2  1 
HETATM 634 O O    . HOH E 4 .  ? -6.22327  -6.29813  1.27377   1.000 41.36000 ? 201 HOH A O    1 
HETATM 635 O O    . HOH E 4 .  ? 9.76198   5.14807   -0.17953  1.000 39.05000 ? 202 HOH A O    1 
HETATM 636 O O    . HOH E 4 .  ? -0.42819  -4.52534  -7.28187  1.000 41.69000 ? 203 HOH A O    1 
HETATM 637 O O    . HOH E 4 .  ? 3.39006   5.47589   -10.08195 1.000 40.63000 ? 204 HOH A O    1 
HETATM 638 O O    . HOH E 4 .  ? -8.50449  -11.21991 9.38760   1.000 55.02000 ? 205 HOH A O    1 
HETATM 639 O O    . HOH E 4 .  ? 8.95509   -1.36622  -2.15346  1.000 37.18000 ? 206 HOH A O    1 
HETATM 640 O O    . HOH E 4 .  ? 9.67861   0.42283   -11.80396 1.000 24.57000 ? 207 HOH A O    1 
HETATM 641 O O    . HOH E 4 .  ? 9.65179   4.27735   3.21585   1.000 44.43000 ? 208 HOH A O    1 
HETATM 642 O O    . HOH E 4 .  ? -3.81859  -1.21578  -5.47137  1.000 39.36000 ? 209 HOH A O    1 
HETATM 643 O O    . HOH E 4 .  ? -2.04851  1.42838   7.79109   1.000 35.89000 ? 210 HOH A O    1 
HETATM 644 O O    . HOH E 4 .  ? -5.01583  4.49631   -6.40399  1.000 43.26000 ? 211 HOH A O    1 
HETATM 645 O O    . HOH E 4 .  ? 13.66219  2.77245   -8.85091  1.000 49.77000 ? 212 HOH A O    1 
HETATM 646 O O    . HOH E 4 .  ? 9.13074   -9.68508  -4.24012  1.000 73.40000 ? 213 HOH A O    1 
HETATM 647 O O    . HOH E 4 .  ? 5.65513   10.19773  -5.07145  1.000 53.32000 ? 214 HOH A O    1 
HETATM 648 O O    . HOH E 4 .  ? 3.57609   -7.36274  5.86365   1.000 58.61000 ? 215 HOH A O    1 
HETATM 649 O O    . HOH E 4 .  ? -4.45550  -3.74276  15.66308  0.50  61.62000 ? 216 HOH A O    1 
HETATM 650 O O    . HOH E 4 .  ? -12.26504 -1.48977  8.92213   0.50  45.07000 ? 217 HOH A O    1 
HETATM 651 O O    . HOH E 4 .  ? -11.17478 8.16167   -3.48716  1.000 53.20000 ? 218 HOH A O    1 
HETATM 652 O O    . HOH E 4 .  ? 0.82050   15.03764  -0.55016  1.000 55.20000 ? 219 HOH A O    1 
HETATM 653 O O    . HOH E 4 .  ? 0.96295   18.23850  -2.77423  0.50  60.25000 ? 220 HOH A O    1 
# 
